data_8UPB
# 
_entry.id   8UPB 
# 
_audit_conform.dict_name       mmcif_pdbx.dic 
_audit_conform.dict_version    5.395 
_audit_conform.dict_location   http://mmcif.pdb.org/dictionaries/ascii/mmcif_pdbx.dic 
# 
loop_
_database_2.database_id 
_database_2.database_code 
_database_2.pdbx_database_accession 
_database_2.pdbx_DOI 
PDB   8UPB         pdb_00008upb 10.2210/pdb8upb/pdb 
WWPDB D_1000278526 ?            ?                   
# 
_pdbx_audit_revision_history.ordinal             1 
_pdbx_audit_revision_history.data_content_type   'Structure model' 
_pdbx_audit_revision_history.major_revision      1 
_pdbx_audit_revision_history.minor_revision      0 
_pdbx_audit_revision_history.revision_date       2024-08-28 
# 
_pdbx_audit_revision_details.ordinal             1 
_pdbx_audit_revision_details.revision_ordinal    1 
_pdbx_audit_revision_details.data_content_type   'Structure model' 
_pdbx_audit_revision_details.provider            repository 
_pdbx_audit_revision_details.type                'Initial release' 
_pdbx_audit_revision_details.description         ? 
_pdbx_audit_revision_details.details             ? 
# 
_pdbx_database_status.status_code                     REL 
_pdbx_database_status.status_code_sf                  REL 
_pdbx_database_status.status_code_mr                  ? 
_pdbx_database_status.entry_id                        8UPB 
_pdbx_database_status.recvd_initial_deposition_date   2023-10-22 
_pdbx_database_status.SG_entry                        N 
_pdbx_database_status.deposit_site                    RCSB 
_pdbx_database_status.process_site                    RCSB 
_pdbx_database_status.status_code_cs                  ? 
_pdbx_database_status.status_code_nmr_data            ? 
_pdbx_database_status.methods_development_category    ? 
_pdbx_database_status.pdb_format_compatible           Y 
# 
_pdbx_contact_author.id                 2 
_pdbx_contact_author.email              kcgarcia@stanford.edu 
_pdbx_contact_author.name_first         'K Christopher' 
_pdbx_contact_author.name_last          Garcia 
_pdbx_contact_author.name_mi            ? 
_pdbx_contact_author.role               'principal investigator/group leader' 
_pdbx_contact_author.identifier_ORCID   0000-0001-9273-0278 
# 
loop_
_audit_author.name 
_audit_author.pdbx_ordinal 
_audit_author.identifier_ORCID 
'Borowska, M.T.' 1 0000-0002-8223-530X 
'Jude, K.M.'     2 0000-0002-3675-5136 
'Garcia, K.C.'   3 0000-0001-9273-0278 
# 
_citation.abstract                  ? 
_citation.abstract_id_CAS           ? 
_citation.book_id_ISBN              ? 
_citation.book_publisher            ? 
_citation.book_publisher_city       ? 
_citation.book_title                ? 
_citation.coordinate_linkage        ? 
_citation.country                   UK 
_citation.database_id_Medline       ? 
_citation.details                   ? 
_citation.id                        primary 
_citation.journal_abbrev            'Nat Commun' 
_citation.journal_id_ASTM           ? 
_citation.journal_id_CSD            ? 
_citation.journal_id_ISSN           2041-1723 
_citation.journal_full              ? 
_citation.journal_issue             ? 
_citation.journal_volume            15 
_citation.language                  ? 
_citation.page_first                7064 
_citation.page_last                 7064 
_citation.title                     'De novo design of miniprotein antagonists of cytokine storm inducers.' 
_citation.year                      2024 
_citation.database_id_CSD           ? 
_citation.pdbx_database_id_DOI      10.1038/s41467-024-50919-4 
_citation.pdbx_database_id_PubMed   39152100 
_citation.pdbx_database_id_patent   ? 
_citation.unpublished_flag          ? 
# 
loop_
_citation_author.citation_id 
_citation_author.name 
_citation_author.ordinal 
_citation_author.identifier_ORCID 
primary 'Huang, B.'         1  ?                   
primary 'Coventry, B.'      2  0000-0002-6910-6255 
primary 'Borowska, M.T.'    3  ?                   
primary 'Arhontoulis, D.C.' 4  ?                   
primary 'Exposit, M.'       5  ?                   
primary 'Abedi, M.'         6  ?                   
primary 'Jude, K.M.'        7  0000-0002-3675-5136 
primary 'Halabiya, S.F.'    8  ?                   
primary 'Allen, A.'         9  ?                   
primary 'Cordray, C.'       10 ?                   
primary 'Goreshnik, I.'     11 ?                   
primary 'Ahlrichs, M.'      12 0000-0002-4793-3890 
primary 'Chan, S.'          13 0000-0002-1617-0464 
primary 'Tunggal, H.'       14 ?                   
primary 'DeWitt, M.'        15 ?                   
primary 'Hyams, N.'         16 ?                   
primary 'Carter, L.'        17 ?                   
primary 'Stewart, L.'       18 0000-0003-4264-5125 
primary 'Fuller, D.H.'      19 0000-0001-7315-2441 
primary 'Mei, Y.'           20 0000-0002-8508-4076 
primary 'Garcia, K.C.'      21 0000-0001-9273-0278 
primary 'Baker, D.'         22 0000-0001-7896-6217 
# 
loop_
_entity.id 
_entity.type 
_entity.src_method 
_entity.pdbx_description 
_entity.formula_weight 
_entity.pdbx_number_of_molecules 
_entity.pdbx_ec 
_entity.pdbx_mutation 
_entity.pdbx_fragment 
_entity.details 
1 polymer syn 'De novo designed IL-6 mimetic' 7826.061 1  ? ? ? ? 
2 water   nat water                           18.015   67 ? ? ? ? 
# 
_entity_poly.entity_id                      1 
_entity_poly.type                           'polypeptide(L)' 
_entity_poly.nstd_linkage                   no 
_entity_poly.nstd_monomer                   no 
_entity_poly.pdbx_seq_one_letter_code       ANLYFQSDREEFQWLVEEFIRVLERGDVEKAREILRLLKEVAEKVNDPLLRLLFRIARRLVEEL 
_entity_poly.pdbx_seq_one_letter_code_can   ANLYFQSDREEFQWLVEEFIRVLERGDVEKAREILRLLKEVAEKVNDPLLRLLFRIARRLVEEL 
_entity_poly.pdbx_strand_id                 A 
_entity_poly.pdbx_target_identifier         ? 
# 
_pdbx_entity_nonpoly.entity_id   2 
_pdbx_entity_nonpoly.name        water 
_pdbx_entity_nonpoly.comp_id     HOH 
# 
loop_
_entity_poly_seq.entity_id 
_entity_poly_seq.num 
_entity_poly_seq.mon_id 
_entity_poly_seq.hetero 
1 1  ALA n 
1 2  ASN n 
1 3  LEU n 
1 4  TYR n 
1 5  PHE n 
1 6  GLN n 
1 7  SER n 
1 8  ASP n 
1 9  ARG n 
1 10 GLU n 
1 11 GLU n 
1 12 PHE n 
1 13 GLN n 
1 14 TRP n 
1 15 LEU n 
1 16 VAL n 
1 17 GLU n 
1 18 GLU n 
1 19 PHE n 
1 20 ILE n 
1 21 ARG n 
1 22 VAL n 
1 23 LEU n 
1 24 GLU n 
1 25 ARG n 
1 26 GLY n 
1 27 ASP n 
1 28 VAL n 
1 29 GLU n 
1 30 LYS n 
1 31 ALA n 
1 32 ARG n 
1 33 GLU n 
1 34 ILE n 
1 35 LEU n 
1 36 ARG n 
1 37 LEU n 
1 38 LEU n 
1 39 LYS n 
1 40 GLU n 
1 41 VAL n 
1 42 ALA n 
1 43 GLU n 
1 44 LYS n 
1 45 VAL n 
1 46 ASN n 
1 47 ASP n 
1 48 PRO n 
1 49 LEU n 
1 50 LEU n 
1 51 ARG n 
1 52 LEU n 
1 53 LEU n 
1 54 PHE n 
1 55 ARG n 
1 56 ILE n 
1 57 ALA n 
1 58 ARG n 
1 59 ARG n 
1 60 LEU n 
1 61 VAL n 
1 62 GLU n 
1 63 GLU n 
1 64 LEU n 
# 
_pdbx_entity_src_syn.entity_id              1 
_pdbx_entity_src_syn.pdbx_src_id            1 
_pdbx_entity_src_syn.pdbx_alt_source_flag   sample 
_pdbx_entity_src_syn.pdbx_beg_seq_num       1 
_pdbx_entity_src_syn.pdbx_end_seq_num       64 
_pdbx_entity_src_syn.organism_scientific    'synthetic construct' 
_pdbx_entity_src_syn.organism_common_name   ? 
_pdbx_entity_src_syn.ncbi_taxonomy_id       32630 
_pdbx_entity_src_syn.details                ? 
# 
loop_
_chem_comp.id 
_chem_comp.type 
_chem_comp.mon_nstd_flag 
_chem_comp.name 
_chem_comp.pdbx_synonyms 
_chem_comp.formula 
_chem_comp.formula_weight 
ALA 'L-peptide linking' y ALANINE         ? 'C3 H7 N O2'     89.093  
ARG 'L-peptide linking' y ARGININE        ? 'C6 H15 N4 O2 1' 175.209 
ASN 'L-peptide linking' y ASPARAGINE      ? 'C4 H8 N2 O3'    132.118 
ASP 'L-peptide linking' y 'ASPARTIC ACID' ? 'C4 H7 N O4'     133.103 
GLN 'L-peptide linking' y GLUTAMINE       ? 'C5 H10 N2 O3'   146.144 
GLU 'L-peptide linking' y 'GLUTAMIC ACID' ? 'C5 H9 N O4'     147.129 
GLY 'peptide linking'   y GLYCINE         ? 'C2 H5 N O2'     75.067  
HOH non-polymer         . WATER           ? 'H2 O'           18.015  
ILE 'L-peptide linking' y ISOLEUCINE      ? 'C6 H13 N O2'    131.173 
LEU 'L-peptide linking' y LEUCINE         ? 'C6 H13 N O2'    131.173 
LYS 'L-peptide linking' y LYSINE          ? 'C6 H15 N2 O2 1' 147.195 
PHE 'L-peptide linking' y PHENYLALANINE   ? 'C9 H11 N O2'    165.189 
PRO 'L-peptide linking' y PROLINE         ? 'C5 H9 N O2'     115.130 
SER 'L-peptide linking' y SERINE          ? 'C3 H7 N O3'     105.093 
TRP 'L-peptide linking' y TRYPTOPHAN      ? 'C11 H12 N2 O2'  204.225 
TYR 'L-peptide linking' y TYROSINE        ? 'C9 H11 N O3'    181.189 
VAL 'L-peptide linking' y VALINE          ? 'C5 H11 N O2'    117.146 
# 
loop_
_pdbx_poly_seq_scheme.asym_id 
_pdbx_poly_seq_scheme.entity_id 
_pdbx_poly_seq_scheme.seq_id 
_pdbx_poly_seq_scheme.mon_id 
_pdbx_poly_seq_scheme.ndb_seq_num 
_pdbx_poly_seq_scheme.pdb_seq_num 
_pdbx_poly_seq_scheme.auth_seq_num 
_pdbx_poly_seq_scheme.pdb_mon_id 
_pdbx_poly_seq_scheme.auth_mon_id 
_pdbx_poly_seq_scheme.pdb_strand_id 
_pdbx_poly_seq_scheme.pdb_ins_code 
_pdbx_poly_seq_scheme.hetero 
A 1 1  ALA 1  2  2  ALA ALA A . n 
A 1 2  ASN 2  3  3  ASN ASN A . n 
A 1 3  LEU 3  4  4  LEU LEU A . n 
A 1 4  TYR 4  5  5  TYR TYR A . n 
A 1 5  PHE 5  6  6  PHE PHE A . n 
A 1 6  GLN 6  7  7  GLN GLN A . n 
A 1 7  SER 7  8  8  SER SER A . n 
A 1 8  ASP 8  9  9  ASP ASP A . n 
A 1 9  ARG 9  10 10 ARG ARG A . n 
A 1 10 GLU 10 11 11 GLU GLU A . n 
A 1 11 GLU 11 12 12 GLU GLU A . n 
A 1 12 PHE 12 13 13 PHE PHE A . n 
A 1 13 GLN 13 14 14 GLN GLN A . n 
A 1 14 TRP 14 15 15 TRP TRP A . n 
A 1 15 LEU 15 16 16 LEU LEU A . n 
A 1 16 VAL 16 17 17 VAL VAL A . n 
A 1 17 GLU 17 18 18 GLU GLU A . n 
A 1 18 GLU 18 19 19 GLU GLU A . n 
A 1 19 PHE 19 20 20 PHE PHE A . n 
A 1 20 ILE 20 21 21 ILE ILE A . n 
A 1 21 ARG 21 22 22 ARG ARG A . n 
A 1 22 VAL 22 23 23 VAL VAL A . n 
A 1 23 LEU 23 24 24 LEU LEU A . n 
A 1 24 GLU 24 25 25 GLU GLU A . n 
A 1 25 ARG 25 26 26 ARG ARG A . n 
A 1 26 GLY 26 27 27 GLY GLY A . n 
A 1 27 ASP 27 28 28 ASP ASP A . n 
A 1 28 VAL 28 29 29 VAL VAL A . n 
A 1 29 GLU 29 30 30 GLU GLU A . n 
A 1 30 LYS 30 31 31 LYS LYS A . n 
A 1 31 ALA 31 32 32 ALA ALA A . n 
A 1 32 ARG 32 33 33 ARG ARG A . n 
A 1 33 GLU 33 34 34 GLU GLU A . n 
A 1 34 ILE 34 35 35 ILE ILE A . n 
A 1 35 LEU 35 36 36 LEU LEU A . n 
A 1 36 ARG 36 37 37 ARG ARG A . n 
A 1 37 LEU 37 38 38 LEU LEU A . n 
A 1 38 LEU 38 39 39 LEU LEU A . n 
A 1 39 LYS 39 40 40 LYS LYS A . n 
A 1 40 GLU 40 41 41 GLU GLU A . n 
A 1 41 VAL 41 42 42 VAL VAL A . n 
A 1 42 ALA 42 43 43 ALA ALA A . n 
A 1 43 GLU 43 44 44 GLU GLU A . n 
A 1 44 LYS 44 45 45 LYS LYS A . n 
A 1 45 VAL 45 46 46 VAL VAL A . n 
A 1 46 ASN 46 47 47 ASN ASN A . n 
A 1 47 ASP 47 48 48 ASP ASP A . n 
A 1 48 PRO 48 49 49 PRO PRO A . n 
A 1 49 LEU 49 50 50 LEU LEU A . n 
A 1 50 LEU 50 51 51 LEU LEU A . n 
A 1 51 ARG 51 52 52 ARG ARG A . n 
A 1 52 LEU 52 53 53 LEU LEU A . n 
A 1 53 LEU 53 54 54 LEU LEU A . n 
A 1 54 PHE 54 55 55 PHE PHE A . n 
A 1 55 ARG 55 56 56 ARG ARG A . n 
A 1 56 ILE 56 57 57 ILE ILE A . n 
A 1 57 ALA 57 58 58 ALA ALA A . n 
A 1 58 ARG 58 59 59 ARG ARG A . n 
A 1 59 ARG 59 60 60 ARG ARG A . n 
A 1 60 LEU 60 61 61 LEU LEU A . n 
A 1 61 VAL 61 62 62 VAL VAL A . n 
A 1 62 GLU 62 63 63 GLU GLU A . n 
A 1 63 GLU 63 64 64 GLU GLU A . n 
A 1 64 LEU 64 65 65 LEU LEU A . n 
# 
loop_
_pdbx_nonpoly_scheme.asym_id 
_pdbx_nonpoly_scheme.entity_id 
_pdbx_nonpoly_scheme.mon_id 
_pdbx_nonpoly_scheme.ndb_seq_num 
_pdbx_nonpoly_scheme.pdb_seq_num 
_pdbx_nonpoly_scheme.auth_seq_num 
_pdbx_nonpoly_scheme.pdb_mon_id 
_pdbx_nonpoly_scheme.auth_mon_id 
_pdbx_nonpoly_scheme.pdb_strand_id 
_pdbx_nonpoly_scheme.pdb_ins_code 
B 2 HOH 1  101 1  HOH HOH A . 
B 2 HOH 2  102 36 HOH HOH A . 
B 2 HOH 3  103 47 HOH HOH A . 
B 2 HOH 4  104 49 HOH HOH A . 
B 2 HOH 5  105 38 HOH HOH A . 
B 2 HOH 6  106 29 HOH HOH A . 
B 2 HOH 7  107 32 HOH HOH A . 
B 2 HOH 8  108 8  HOH HOH A . 
B 2 HOH 9  109 11 HOH HOH A . 
B 2 HOH 10 110 64 HOH HOH A . 
B 2 HOH 11 111 72 HOH HOH A . 
B 2 HOH 12 112 23 HOH HOH A . 
B 2 HOH 13 113 54 HOH HOH A . 
B 2 HOH 14 114 5  HOH HOH A . 
B 2 HOH 15 115 24 HOH HOH A . 
B 2 HOH 16 116 2  HOH HOH A . 
B 2 HOH 17 117 17 HOH HOH A . 
B 2 HOH 18 118 41 HOH HOH A . 
B 2 HOH 19 119 4  HOH HOH A . 
B 2 HOH 20 120 25 HOH HOH A . 
B 2 HOH 21 121 19 HOH HOH A . 
B 2 HOH 22 122 14 HOH HOH A . 
B 2 HOH 23 123 26 HOH HOH A . 
B 2 HOH 24 124 3  HOH HOH A . 
B 2 HOH 25 125 50 HOH HOH A . 
B 2 HOH 26 126 15 HOH HOH A . 
B 2 HOH 27 127 12 HOH HOH A . 
B 2 HOH 28 128 20 HOH HOH A . 
B 2 HOH 29 129 21 HOH HOH A . 
B 2 HOH 30 130 7  HOH HOH A . 
B 2 HOH 31 131 69 HOH HOH A . 
B 2 HOH 32 132 53 HOH HOH A . 
B 2 HOH 33 133 68 HOH HOH A . 
B 2 HOH 34 134 33 HOH HOH A . 
B 2 HOH 35 135 58 HOH HOH A . 
B 2 HOH 36 136 27 HOH HOH A . 
B 2 HOH 37 137 45 HOH HOH A . 
B 2 HOH 38 138 52 HOH HOH A . 
B 2 HOH 39 139 48 HOH HOH A . 
B 2 HOH 40 140 22 HOH HOH A . 
B 2 HOH 41 141 34 HOH HOH A . 
B 2 HOH 42 142 6  HOH HOH A . 
B 2 HOH 43 143 43 HOH HOH A . 
B 2 HOH 44 144 31 HOH HOH A . 
B 2 HOH 45 145 46 HOH HOH A . 
B 2 HOH 46 146 39 HOH HOH A . 
B 2 HOH 47 147 9  HOH HOH A . 
B 2 HOH 48 148 62 HOH HOH A . 
B 2 HOH 49 149 28 HOH HOH A . 
B 2 HOH 50 150 37 HOH HOH A . 
B 2 HOH 51 151 66 HOH HOH A . 
B 2 HOH 52 152 42 HOH HOH A . 
B 2 HOH 53 153 56 HOH HOH A . 
B 2 HOH 54 154 70 HOH HOH A . 
B 2 HOH 55 155 44 HOH HOH A . 
B 2 HOH 56 156 71 HOH HOH A . 
B 2 HOH 57 157 35 HOH HOH A . 
B 2 HOH 58 158 10 HOH HOH A . 
B 2 HOH 59 159 30 HOH HOH A . 
B 2 HOH 60 160 60 HOH HOH A . 
B 2 HOH 61 161 61 HOH HOH A . 
B 2 HOH 62 162 65 HOH HOH A . 
B 2 HOH 63 163 16 HOH HOH A . 
B 2 HOH 64 164 40 HOH HOH A . 
B 2 HOH 65 165 18 HOH HOH A . 
B 2 HOH 66 166 59 HOH HOH A . 
B 2 HOH 67 167 67 HOH HOH A . 
# 
loop_
_software.citation_id 
_software.classification 
_software.compiler_name 
_software.compiler_version 
_software.contact_author 
_software.contact_author_email 
_software.date 
_software.description 
_software.dependencies 
_software.hardware 
_software.language 
_software.location 
_software.mods 
_software.name 
_software.os 
_software.os_version 
_software.type 
_software.version 
_software.pdbx_ordinal 
? refinement       ? ? ? ? ? ? ? ? ? ? ? PHENIX  ? ? ? '(1.21.1_5286: ???)' 1 
? 'data reduction' ? ? ? ? ? ? ? ? ? ? ? iMOSFLM ? ? ? .                    2 
? 'data scaling'   ? ? ? ? ? ? ? ? ? ? ? Aimless ? ? ? .                    3 
? phasing          ? ? ? ? ? ? ? ? ? ? ? PHASER  ? ? ? .                    4 
# 
_cell.angle_alpha                  90.00 
_cell.angle_alpha_esd              ? 
_cell.angle_beta                   90.00 
_cell.angle_beta_esd               ? 
_cell.angle_gamma                  90.00 
_cell.angle_gamma_esd              ? 
_cell.entry_id                     8UPB 
_cell.details                      ? 
_cell.formula_units_Z              ? 
_cell.length_a                     47.010 
_cell.length_a_esd                 ? 
_cell.length_b                     47.010 
_cell.length_b_esd                 ? 
_cell.length_c                     74.207 
_cell.length_c_esd                 ? 
_cell.volume                       ? 
_cell.volume_esd                   ? 
_cell.Z_PDB                        8 
_cell.reciprocal_angle_alpha       ? 
_cell.reciprocal_angle_beta        ? 
_cell.reciprocal_angle_gamma       ? 
_cell.reciprocal_angle_alpha_esd   ? 
_cell.reciprocal_angle_beta_esd    ? 
_cell.reciprocal_angle_gamma_esd   ? 
_cell.reciprocal_length_a          ? 
_cell.reciprocal_length_b          ? 
_cell.reciprocal_length_c          ? 
_cell.reciprocal_length_a_esd      ? 
_cell.reciprocal_length_b_esd      ? 
_cell.reciprocal_length_c_esd      ? 
_cell.pdbx_unique_axis             ? 
_cell.pdbx_esd_method              ? 
# 
_symmetry.entry_id                         8UPB 
_symmetry.cell_setting                     ? 
_symmetry.Int_Tables_number                92 
_symmetry.space_group_name_Hall            ? 
_symmetry.space_group_name_H-M             'P 41 21 2' 
_symmetry.pdbx_full_space_group_name_H-M   ? 
# 
_exptl.absorpt_coefficient_mu     ? 
_exptl.absorpt_correction_T_max   ? 
_exptl.absorpt_correction_T_min   ? 
_exptl.absorpt_correction_type    ? 
_exptl.absorpt_process_details    ? 
_exptl.entry_id                   8UPB 
_exptl.crystals_number            1 
_exptl.details                    ? 
_exptl.method                     'X-RAY DIFFRACTION' 
_exptl.method_details             ? 
# 
_exptl_crystal.colour                       ? 
_exptl_crystal.density_diffrn               ? 
_exptl_crystal.density_Matthews             2.66 
_exptl_crystal.density_method               ? 
_exptl_crystal.density_percent_sol          53.73 
_exptl_crystal.description                  ? 
_exptl_crystal.F_000                        ? 
_exptl_crystal.id                           1 
_exptl_crystal.preparation                  ? 
_exptl_crystal.size_max                     ? 
_exptl_crystal.size_mid                     ? 
_exptl_crystal.size_min                     ? 
_exptl_crystal.size_rad                     ? 
_exptl_crystal.colour_lustre                ? 
_exptl_crystal.colour_modifier              ? 
_exptl_crystal.colour_primary               ? 
_exptl_crystal.density_meas                 ? 
_exptl_crystal.density_meas_esd             ? 
_exptl_crystal.density_meas_gt              ? 
_exptl_crystal.density_meas_lt              ? 
_exptl_crystal.density_meas_temp            ? 
_exptl_crystal.density_meas_temp_esd        ? 
_exptl_crystal.density_meas_temp_gt         ? 
_exptl_crystal.density_meas_temp_lt         ? 
_exptl_crystal.pdbx_crystal_image_url       ? 
_exptl_crystal.pdbx_crystal_image_format    ? 
_exptl_crystal.pdbx_mosaicity               ? 
_exptl_crystal.pdbx_mosaicity_esd           ? 
_exptl_crystal.pdbx_mosaic_method           ? 
_exptl_crystal.pdbx_mosaic_block_size       ? 
_exptl_crystal.pdbx_mosaic_block_size_esd   ? 
# 
_exptl_crystal_grow.apparatus       ? 
_exptl_crystal_grow.atmosphere      ? 
_exptl_crystal_grow.crystal_id      1 
_exptl_crystal_grow.details         ? 
_exptl_crystal_grow.method          'VAPOR DIFFUSION, SITTING DROP' 
_exptl_crystal_grow.method_ref      ? 
_exptl_crystal_grow.pH              ? 
_exptl_crystal_grow.pressure        ? 
_exptl_crystal_grow.pressure_esd    ? 
_exptl_crystal_grow.seeding         ? 
_exptl_crystal_grow.seeding_ref     ? 
_exptl_crystal_grow.temp_details    ? 
_exptl_crystal_grow.temp_esd        ? 
_exptl_crystal_grow.time            ? 
_exptl_crystal_grow.pdbx_details    '1M Tri-sodium citrate, 0.1M Sodium cacodylate pH 6.5' 
_exptl_crystal_grow.pdbx_pH_range   ? 
_exptl_crystal_grow.temp            298 
# 
_diffrn.ambient_environment              ? 
_diffrn.ambient_temp                     100 
_diffrn.ambient_temp_details             ? 
_diffrn.ambient_temp_esd                 ? 
_diffrn.crystal_id                       1 
_diffrn.crystal_support                  ? 
_diffrn.crystal_treatment                ? 
_diffrn.details                          ? 
_diffrn.id                               1 
_diffrn.ambient_pressure                 ? 
_diffrn.ambient_pressure_esd             ? 
_diffrn.ambient_pressure_gt              ? 
_diffrn.ambient_pressure_lt              ? 
_diffrn.ambient_temp_gt                  ? 
_diffrn.ambient_temp_lt                  ? 
_diffrn.pdbx_serial_crystal_experiment   N 
# 
_diffrn_detector.details                      ? 
_diffrn_detector.detector                     PIXEL 
_diffrn_detector.diffrn_id                    1 
_diffrn_detector.type                         'DECTRIS PILATUS 6M' 
_diffrn_detector.area_resol_mean              ? 
_diffrn_detector.dtime                        ? 
_diffrn_detector.pdbx_frames_total            ? 
_diffrn_detector.pdbx_collection_time_total   ? 
_diffrn_detector.pdbx_collection_date         2022-01-18 
_diffrn_detector.pdbx_frequency               ? 
_diffrn_detector.id                           ? 
_diffrn_detector.number_of_axes               ? 
# 
_diffrn_radiation.collimation                      ? 
_diffrn_radiation.diffrn_id                        1 
_diffrn_radiation.filter_edge                      ? 
_diffrn_radiation.inhomogeneity                    ? 
_diffrn_radiation.monochromator                    ? 
_diffrn_radiation.polarisn_norm                    ? 
_diffrn_radiation.polarisn_ratio                   ? 
_diffrn_radiation.probe                            ? 
_diffrn_radiation.type                             ? 
_diffrn_radiation.xray_symbol                      ? 
_diffrn_radiation.wavelength_id                    1 
_diffrn_radiation.pdbx_monochromatic_or_laue_m_l   M 
_diffrn_radiation.pdbx_wavelength_list             ? 
_diffrn_radiation.pdbx_wavelength                  ? 
_diffrn_radiation.pdbx_diffrn_protocol             'SINGLE WAVELENGTH' 
_diffrn_radiation.pdbx_analyzer                    ? 
_diffrn_radiation.pdbx_scattering_type             x-ray 
# 
_diffrn_radiation_wavelength.id           1 
_diffrn_radiation_wavelength.wavelength   0.7749 
_diffrn_radiation_wavelength.wt           1.0 
# 
_diffrn_source.current                     ? 
_diffrn_source.details                     ? 
_diffrn_source.diffrn_id                   1 
_diffrn_source.power                       ? 
_diffrn_source.size                        ? 
_diffrn_source.source                      SYNCHROTRON 
_diffrn_source.target                      ? 
_diffrn_source.type                        'SSRL BEAMLINE BL12-1' 
_diffrn_source.voltage                     ? 
_diffrn_source.take-off_angle              ? 
_diffrn_source.pdbx_wavelength_list        0.7749 
_diffrn_source.pdbx_wavelength             ? 
_diffrn_source.pdbx_synchrotron_beamline   BL12-1 
_diffrn_source.pdbx_synchrotron_site       SSRL 
# 
_reflns.B_iso_Wilson_estimate                          24.15 
_reflns.entry_id                                       8UPB 
_reflns.data_reduction_details                         ? 
_reflns.data_reduction_method                          ? 
_reflns.d_resolution_high                              1.48 
_reflns.d_resolution_low                               39.71 
_reflns.details                                        ? 
_reflns.limit_h_max                                    ? 
_reflns.limit_h_min                                    ? 
_reflns.limit_k_max                                    ? 
_reflns.limit_k_min                                    ? 
_reflns.limit_l_max                                    ? 
_reflns.limit_l_min                                    ? 
_reflns.number_all                                     ? 
_reflns.number_obs                                     14459 
_reflns.observed_criterion                             ? 
_reflns.observed_criterion_F_max                       ? 
_reflns.observed_criterion_F_min                       ? 
_reflns.observed_criterion_I_max                       ? 
_reflns.observed_criterion_I_min                       ? 
_reflns.observed_criterion_sigma_F                     ? 
_reflns.observed_criterion_sigma_I                     ? 
_reflns.percent_possible_obs                           99.88 
_reflns.R_free_details                                 ? 
_reflns.Rmerge_F_all                                   ? 
_reflns.Rmerge_F_obs                                   ? 
_reflns.Friedel_coverage                               ? 
_reflns.number_gt                                      ? 
_reflns.threshold_expression                           ? 
_reflns.pdbx_redundancy                                2.0 
_reflns.pdbx_netI_over_av_sigmaI                       ? 
_reflns.pdbx_netI_over_sigmaI                          19.35 
_reflns.pdbx_res_netI_over_av_sigmaI_2                 ? 
_reflns.pdbx_res_netI_over_sigmaI_2                    ? 
_reflns.pdbx_chi_squared                               ? 
_reflns.pdbx_scaling_rejects                           ? 
_reflns.pdbx_d_res_high_opt                            ? 
_reflns.pdbx_d_res_low_opt                             ? 
_reflns.pdbx_d_res_opt_method                          ? 
_reflns.phase_calculation_details                      ? 
_reflns.pdbx_Rrim_I_all                                ? 
_reflns.pdbx_Rpim_I_all                                ? 
_reflns.pdbx_d_opt                                     ? 
_reflns.pdbx_number_measured_all                       ? 
_reflns.pdbx_diffrn_id                                 1 
_reflns.pdbx_ordinal                                   1 
_reflns.pdbx_CC_half                                   0.999 
_reflns.pdbx_CC_star                                   ? 
_reflns.pdbx_R_split                                   ? 
_reflns.pdbx_Rmerge_I_obs                              ? 
_reflns.pdbx_Rmerge_I_all                              ? 
_reflns.pdbx_Rsym_value                                ? 
_reflns.pdbx_CC_split_method                           ? 
_reflns.pdbx_aniso_diffraction_limit_axis_1_ortho[1]   ? 
_reflns.pdbx_aniso_diffraction_limit_axis_1_ortho[2]   ? 
_reflns.pdbx_aniso_diffraction_limit_axis_1_ortho[3]   ? 
_reflns.pdbx_aniso_diffraction_limit_axis_2_ortho[1]   ? 
_reflns.pdbx_aniso_diffraction_limit_axis_2_ortho[2]   ? 
_reflns.pdbx_aniso_diffraction_limit_axis_2_ortho[3]   ? 
_reflns.pdbx_aniso_diffraction_limit_axis_3_ortho[1]   ? 
_reflns.pdbx_aniso_diffraction_limit_axis_3_ortho[2]   ? 
_reflns.pdbx_aniso_diffraction_limit_axis_3_ortho[3]   ? 
_reflns.pdbx_aniso_diffraction_limit_1                 ? 
_reflns.pdbx_aniso_diffraction_limit_2                 ? 
_reflns.pdbx_aniso_diffraction_limit_3                 ? 
_reflns.pdbx_aniso_B_tensor_eigenvector_1_ortho[1]     ? 
_reflns.pdbx_aniso_B_tensor_eigenvector_1_ortho[2]     ? 
_reflns.pdbx_aniso_B_tensor_eigenvector_1_ortho[3]     ? 
_reflns.pdbx_aniso_B_tensor_eigenvector_2_ortho[1]     ? 
_reflns.pdbx_aniso_B_tensor_eigenvector_2_ortho[2]     ? 
_reflns.pdbx_aniso_B_tensor_eigenvector_2_ortho[3]     ? 
_reflns.pdbx_aniso_B_tensor_eigenvector_3_ortho[1]     ? 
_reflns.pdbx_aniso_B_tensor_eigenvector_3_ortho[2]     ? 
_reflns.pdbx_aniso_B_tensor_eigenvector_3_ortho[3]     ? 
_reflns.pdbx_aniso_B_tensor_eigenvalue_1               ? 
_reflns.pdbx_aniso_B_tensor_eigenvalue_2               ? 
_reflns.pdbx_aniso_B_tensor_eigenvalue_3               ? 
_reflns.pdbx_orthogonalization_convention              ? 
_reflns.pdbx_percent_possible_ellipsoidal              ? 
_reflns.pdbx_percent_possible_spherical                ? 
_reflns.pdbx_percent_possible_ellipsoidal_anomalous    ? 
_reflns.pdbx_percent_possible_spherical_anomalous      ? 
_reflns.pdbx_redundancy_anomalous                      ? 
_reflns.pdbx_CC_half_anomalous                         ? 
_reflns.pdbx_absDiff_over_sigma_anomalous              ? 
_reflns.pdbx_percent_possible_anomalous                ? 
_reflns.pdbx_observed_signal_threshold                 ? 
_reflns.pdbx_signal_type                               ? 
_reflns.pdbx_signal_details                            ? 
_reflns.pdbx_signal_software_id                        ? 
# 
_reflns_shell.d_res_high                                    1.48 
_reflns_shell.d_res_low                                     1.533 
_reflns_shell.meanI_over_sigI_all                           ? 
_reflns_shell.meanI_over_sigI_obs                           ? 
_reflns_shell.number_measured_all                           ? 
_reflns_shell.number_measured_obs                           ? 
_reflns_shell.number_possible                               ? 
_reflns_shell.number_unique_all                             ? 
_reflns_shell.number_unique_obs                             1385 
_reflns_shell.percent_possible_obs                          ? 
_reflns_shell.Rmerge_F_all                                  ? 
_reflns_shell.Rmerge_F_obs                                  ? 
_reflns_shell.meanI_over_sigI_gt                            ? 
_reflns_shell.meanI_over_uI_all                             ? 
_reflns_shell.meanI_over_uI_gt                              ? 
_reflns_shell.number_measured_gt                            ? 
_reflns_shell.number_unique_gt                              ? 
_reflns_shell.percent_possible_gt                           ? 
_reflns_shell.Rmerge_F_gt                                   ? 
_reflns_shell.Rmerge_I_gt                                   ? 
_reflns_shell.pdbx_redundancy                               ? 
_reflns_shell.pdbx_chi_squared                              ? 
_reflns_shell.pdbx_netI_over_sigmaI_all                     ? 
_reflns_shell.pdbx_netI_over_sigmaI_obs                     ? 
_reflns_shell.pdbx_Rrim_I_all                               ? 
_reflns_shell.pdbx_Rpim_I_all                               ? 
_reflns_shell.pdbx_rejects                                  ? 
_reflns_shell.pdbx_ordinal                                  1 
_reflns_shell.pdbx_diffrn_id                                1 
_reflns_shell.pdbx_CC_half                                  0.539 
_reflns_shell.pdbx_CC_star                                  ? 
_reflns_shell.pdbx_R_split                                  ? 
_reflns_shell.percent_possible_all                          ? 
_reflns_shell.Rmerge_I_all                                  ? 
_reflns_shell.Rmerge_I_obs                                  ? 
_reflns_shell.pdbx_Rsym_value                               ? 
_reflns_shell.pdbx_percent_possible_ellipsoidal             ? 
_reflns_shell.pdbx_percent_possible_spherical               ? 
_reflns_shell.pdbx_percent_possible_ellipsoidal_anomalous   ? 
_reflns_shell.pdbx_percent_possible_spherical_anomalous     ? 
_reflns_shell.pdbx_redundancy_anomalous                     ? 
_reflns_shell.pdbx_CC_half_anomalous                        ? 
_reflns_shell.pdbx_absDiff_over_sigma_anomalous             ? 
_reflns_shell.pdbx_percent_possible_anomalous               ? 
# 
_refine.aniso_B[1][1]                            ? 
_refine.aniso_B[1][2]                            ? 
_refine.aniso_B[1][3]                            ? 
_refine.aniso_B[2][2]                            ? 
_refine.aniso_B[2][3]                            ? 
_refine.aniso_B[3][3]                            ? 
_refine.B_iso_max                                ? 
_refine.B_iso_mean                               ? 
_refine.B_iso_min                                ? 
_refine.correlation_coeff_Fo_to_Fc               ? 
_refine.correlation_coeff_Fo_to_Fc_free          ? 
_refine.details                                  ? 
_refine.diff_density_max                         ? 
_refine.diff_density_max_esd                     ? 
_refine.diff_density_min                         ? 
_refine.diff_density_min_esd                     ? 
_refine.diff_density_rms                         ? 
_refine.diff_density_rms_esd                     ? 
_refine.entry_id                                 8UPB 
_refine.pdbx_refine_id                           'X-RAY DIFFRACTION' 
_refine.ls_abs_structure_details                 ? 
_refine.ls_abs_structure_Flack                   ? 
_refine.ls_abs_structure_Flack_esd               ? 
_refine.ls_abs_structure_Rogers                  ? 
_refine.ls_abs_structure_Rogers_esd              ? 
_refine.ls_d_res_high                            1.48 
_refine.ls_d_res_low                             39.71 
_refine.ls_extinction_coef                       ? 
_refine.ls_extinction_coef_esd                   ? 
_refine.ls_extinction_expression                 ? 
_refine.ls_extinction_method                     ? 
_refine.ls_goodness_of_fit_all                   ? 
_refine.ls_goodness_of_fit_all_esd               ? 
_refine.ls_goodness_of_fit_obs                   ? 
_refine.ls_goodness_of_fit_obs_esd               ? 
_refine.ls_hydrogen_treatment                    ? 
_refine.ls_matrix_type                           ? 
_refine.ls_number_constraints                    ? 
_refine.ls_number_parameters                     ? 
_refine.ls_number_reflns_all                     ? 
_refine.ls_number_reflns_obs                     14455 
_refine.ls_number_reflns_R_free                  1445 
_refine.ls_number_reflns_R_work                  ? 
_refine.ls_number_restraints                     ? 
_refine.ls_percent_reflns_obs                    99.89 
_refine.ls_percent_reflns_R_free                 10.00 
_refine.ls_R_factor_all                          ? 
_refine.ls_R_factor_obs                          0.2065 
_refine.ls_R_factor_R_free                       0.2288 
_refine.ls_R_factor_R_free_error                 ? 
_refine.ls_R_factor_R_free_error_details         ? 
_refine.ls_R_factor_R_work                       0.2039 
_refine.ls_R_Fsqd_factor_obs                     ? 
_refine.ls_R_I_factor_obs                        ? 
_refine.ls_redundancy_reflns_all                 ? 
_refine.ls_redundancy_reflns_obs                 ? 
_refine.ls_restrained_S_all                      ? 
_refine.ls_restrained_S_obs                      ? 
_refine.ls_shift_over_esd_max                    ? 
_refine.ls_shift_over_esd_mean                   ? 
_refine.ls_structure_factor_coef                 ? 
_refine.ls_weighting_details                     ? 
_refine.ls_weighting_scheme                      ? 
_refine.ls_wR_factor_all                         ? 
_refine.ls_wR_factor_obs                         ? 
_refine.ls_wR_factor_R_free                      ? 
_refine.ls_wR_factor_R_work                      ? 
_refine.occupancy_max                            ? 
_refine.occupancy_min                            ? 
_refine.solvent_model_details                    'FLAT BULK SOLVENT MODEL' 
_refine.solvent_model_param_bsol                 ? 
_refine.solvent_model_param_ksol                 ? 
_refine.pdbx_R_complete                          ? 
_refine.ls_R_factor_gt                           ? 
_refine.ls_goodness_of_fit_gt                    ? 
_refine.ls_goodness_of_fit_ref                   ? 
_refine.ls_shift_over_su_max                     ? 
_refine.ls_shift_over_su_max_lt                  ? 
_refine.ls_shift_over_su_mean                    ? 
_refine.ls_shift_over_su_mean_lt                 ? 
_refine.pdbx_ls_sigma_I                          ? 
_refine.pdbx_ls_sigma_F                          1.33 
_refine.pdbx_ls_sigma_Fsqd                       ? 
_refine.pdbx_data_cutoff_high_absF               ? 
_refine.pdbx_data_cutoff_high_rms_absF           ? 
_refine.pdbx_data_cutoff_low_absF                ? 
_refine.pdbx_isotropic_thermal_model             ? 
_refine.pdbx_ls_cross_valid_method               'FREE R-VALUE' 
_refine.pdbx_method_to_determine_struct          'MOLECULAR REPLACEMENT' 
_refine.pdbx_starting_model                      ? 
_refine.pdbx_stereochemistry_target_values       ML 
_refine.pdbx_R_Free_selection_details            ? 
_refine.pdbx_stereochem_target_val_spec_case     ? 
_refine.pdbx_overall_ESU_R                       ? 
_refine.pdbx_overall_ESU_R_Free                  ? 
_refine.pdbx_solvent_vdw_probe_radii             1.10 
_refine.pdbx_solvent_ion_probe_radii             ? 
_refine.pdbx_solvent_shrinkage_radii             0.90 
_refine.pdbx_real_space_R                        ? 
_refine.pdbx_density_correlation                 ? 
_refine.pdbx_pd_number_of_powder_patterns        ? 
_refine.pdbx_pd_number_of_points                 ? 
_refine.pdbx_pd_meas_number_of_points            ? 
_refine.pdbx_pd_proc_ls_prof_R_factor            ? 
_refine.pdbx_pd_proc_ls_prof_wR_factor           ? 
_refine.pdbx_pd_Marquardt_correlation_coeff      ? 
_refine.pdbx_pd_Fsqrd_R_factor                   ? 
_refine.pdbx_pd_ls_matrix_band_width             ? 
_refine.pdbx_overall_phase_error                 24.88 
_refine.pdbx_overall_SU_R_free_Cruickshank_DPI   ? 
_refine.pdbx_overall_SU_R_free_Blow_DPI          ? 
_refine.pdbx_overall_SU_R_Blow_DPI               ? 
_refine.pdbx_TLS_residual_ADP_flag               ? 
_refine.pdbx_diffrn_id                           1 
_refine.overall_SU_B                             ? 
_refine.overall_SU_ML                            0.19 
_refine.overall_SU_R_Cruickshank_DPI             ? 
_refine.overall_SU_R_free                        ? 
_refine.overall_FOM_free_R_set                   ? 
_refine.overall_FOM_work_R_set                   ? 
_refine.pdbx_average_fsc_overall                 ? 
_refine.pdbx_average_fsc_work                    ? 
_refine.pdbx_average_fsc_free                    ? 
# 
_refine_hist.pdbx_refine_id                   'X-RAY DIFFRACTION' 
_refine_hist.cycle_id                         LAST 
_refine_hist.details                          ? 
_refine_hist.d_res_high                       1.48 
_refine_hist.d_res_low                        39.71 
_refine_hist.number_atoms_solvent             67 
_refine_hist.number_atoms_total               619 
_refine_hist.number_reflns_all                ? 
_refine_hist.number_reflns_obs                ? 
_refine_hist.number_reflns_R_free             ? 
_refine_hist.number_reflns_R_work             ? 
_refine_hist.R_factor_all                     ? 
_refine_hist.R_factor_obs                     ? 
_refine_hist.R_factor_R_free                  ? 
_refine_hist.R_factor_R_work                  ? 
_refine_hist.pdbx_number_residues_total       ? 
_refine_hist.pdbx_B_iso_mean_ligand           ? 
_refine_hist.pdbx_B_iso_mean_solvent          ? 
_refine_hist.pdbx_number_atoms_protein        552 
_refine_hist.pdbx_number_atoms_nucleic_acid   0 
_refine_hist.pdbx_number_atoms_ligand         0 
_refine_hist.pdbx_number_atoms_lipid          ? 
_refine_hist.pdbx_number_atoms_carb           ? 
_refine_hist.pdbx_pseudo_atom_details         ? 
# 
loop_
_refine_ls_restr.pdbx_refine_id 
_refine_ls_restr.criterion 
_refine_ls_restr.dev_ideal 
_refine_ls_restr.dev_ideal_target 
_refine_ls_restr.number 
_refine_ls_restr.rejects 
_refine_ls_restr.type 
_refine_ls_restr.weight 
_refine_ls_restr.pdbx_restraint_function 
'X-RAY DIFFRACTION' ? 0.007  ? 583 ? f_bond_d           ? ? 
'X-RAY DIFFRACTION' ? 0.912  ? 784 ? f_angle_d          ? ? 
'X-RAY DIFFRACTION' ? 10.239 ? 236 ? f_dihedral_angle_d ? ? 
'X-RAY DIFFRACTION' ? 0.055  ? 86  ? f_chiral_restr     ? ? 
'X-RAY DIFFRACTION' ? 0.008  ? 103 ? f_plane_restr      ? ? 
# 
loop_
_refine_ls_shell.pdbx_refine_id 
_refine_ls_shell.d_res_high 
_refine_ls_shell.d_res_low 
_refine_ls_shell.number_reflns_all 
_refine_ls_shell.number_reflns_obs 
_refine_ls_shell.number_reflns_R_free 
_refine_ls_shell.number_reflns_R_work 
_refine_ls_shell.percent_reflns_obs 
_refine_ls_shell.percent_reflns_R_free 
_refine_ls_shell.R_factor_all 
_refine_ls_shell.R_factor_obs 
_refine_ls_shell.R_factor_R_free_error 
_refine_ls_shell.R_factor_R_work 
_refine_ls_shell.redundancy_reflns_all 
_refine_ls_shell.redundancy_reflns_obs 
_refine_ls_shell.wR_factor_all 
_refine_ls_shell.wR_factor_obs 
_refine_ls_shell.wR_factor_R_free 
_refine_ls_shell.wR_factor_R_work 
_refine_ls_shell.pdbx_R_complete 
_refine_ls_shell.pdbx_total_number_of_bins_used 
_refine_ls_shell.pdbx_phase_error 
_refine_ls_shell.pdbx_fsc_work 
_refine_ls_shell.pdbx_fsc_free 
_refine_ls_shell.R_factor_R_free 
'X-RAY DIFFRACTION' 1.48 1.53  . . 139 1245 100.00 . . . . 0.3437 . . . . . . . . . . . 0.3547 
'X-RAY DIFFRACTION' 1.53 1.59  . . 142 1275 100.00 . . . . 0.2902 . . . . . . . . . . . 0.3204 
'X-RAY DIFFRACTION' 1.59 1.67  . . 141 1279 100.00 . . . . 0.2354 . . . . . . . . . . . 0.2540 
'X-RAY DIFFRACTION' 1.67 1.75  . . 141 1271 100.00 . . . . 0.2412 . . . . . . . . . . . 0.2685 
'X-RAY DIFFRACTION' 1.75 1.86  . . 144 1289 100.00 . . . . 0.2378 . . . . . . . . . . . 0.2909 
'X-RAY DIFFRACTION' 1.86 2.01  . . 143 1285 100.00 . . . . 0.2093 . . . . . . . . . . . 0.2338 
'X-RAY DIFFRACTION' 2.01 2.21  . . 144 1296 100.00 . . . . 0.1959 . . . . . . . . . . . 0.2103 
'X-RAY DIFFRACTION' 2.21 2.53  . . 145 1311 100.00 . . . . 0.1737 . . . . . . . . . . . 0.2219 
'X-RAY DIFFRACTION' 2.53 3.19  . . 149 1338 100.00 . . . . 0.2128 . . . . . . . . . . . 0.2358 
'X-RAY DIFFRACTION' 3.19 39.71 . . 157 1421 100.00 . . . . 0.1911 . . . . . . . . . . . 0.2088 
# 
_struct.entry_id                     8UPB 
_struct.title                        'De novo designed IL-6 mimetic' 
_struct.pdbx_model_details           ? 
_struct.pdbx_formula_weight          ? 
_struct.pdbx_formula_weight_method   ? 
_struct.pdbx_model_type_details      ? 
_struct.pdbx_CASP_flag               N 
# 
_struct_keywords.entry_id        8UPB 
_struct_keywords.text            'cytokine, de novo design' 
_struct_keywords.pdbx_keywords   CYTOKINE 
# 
loop_
_struct_asym.id 
_struct_asym.pdbx_blank_PDB_chainid_flag 
_struct_asym.pdbx_modified 
_struct_asym.entity_id 
_struct_asym.details 
A N N 1 ? 
B N N 2 ? 
# 
_struct_ref.id                         1 
_struct_ref.db_name                    PDB 
_struct_ref.db_code                    8UPB 
_struct_ref.pdbx_db_accession          8UPB 
_struct_ref.pdbx_db_isoform            ? 
_struct_ref.entity_id                  1 
_struct_ref.pdbx_seq_one_letter_code   ? 
_struct_ref.pdbx_align_begin           1 
# 
_struct_ref_seq.align_id                      1 
_struct_ref_seq.ref_id                        1 
_struct_ref_seq.pdbx_PDB_id_code              8UPB 
_struct_ref_seq.pdbx_strand_id                A 
_struct_ref_seq.seq_align_beg                 1 
_struct_ref_seq.pdbx_seq_align_beg_ins_code   ? 
_struct_ref_seq.seq_align_end                 64 
_struct_ref_seq.pdbx_seq_align_end_ins_code   ? 
_struct_ref_seq.pdbx_db_accession             8UPB 
_struct_ref_seq.db_align_beg                  2 
_struct_ref_seq.pdbx_db_align_beg_ins_code    ? 
_struct_ref_seq.db_align_end                  65 
_struct_ref_seq.pdbx_db_align_end_ins_code    ? 
_struct_ref_seq.pdbx_auth_seq_align_beg       2 
_struct_ref_seq.pdbx_auth_seq_align_end       65 
# 
_pdbx_struct_assembly.id                   1 
_pdbx_struct_assembly.details              author_and_software_defined_assembly 
_pdbx_struct_assembly.method_details       PISA 
_pdbx_struct_assembly.oligomeric_details   dimeric 
_pdbx_struct_assembly.oligomeric_count     2 
# 
loop_
_pdbx_struct_assembly_prop.biol_id 
_pdbx_struct_assembly_prop.type 
_pdbx_struct_assembly_prop.value 
_pdbx_struct_assembly_prop.details 
1 'ABSA (A^2)' 2020 ? 
1 MORE         -15  ? 
1 'SSA (A^2)'  8020 ? 
# 
_pdbx_struct_assembly_gen.assembly_id       1 
_pdbx_struct_assembly_gen.oper_expression   1,2 
_pdbx_struct_assembly_gen.asym_id_list      A,B 
# 
loop_
_pdbx_struct_oper_list.id 
_pdbx_struct_oper_list.type 
_pdbx_struct_oper_list.name 
_pdbx_struct_oper_list.symmetry_operation 
_pdbx_struct_oper_list.matrix[1][1] 
_pdbx_struct_oper_list.matrix[1][2] 
_pdbx_struct_oper_list.matrix[1][3] 
_pdbx_struct_oper_list.vector[1] 
_pdbx_struct_oper_list.matrix[2][1] 
_pdbx_struct_oper_list.matrix[2][2] 
_pdbx_struct_oper_list.matrix[2][3] 
_pdbx_struct_oper_list.vector[2] 
_pdbx_struct_oper_list.matrix[3][1] 
_pdbx_struct_oper_list.matrix[3][2] 
_pdbx_struct_oper_list.matrix[3][3] 
_pdbx_struct_oper_list.vector[3] 
1 'identity operation'         1_555 x,y,z  1.0000000000  0.0000000000 0.0000000000  0.0000000000  0.0000000000 1.0000000000  0.0000000000  0.0000000000   0.0000000000  0.0000000000  1.0000000000 0.0000000000  
2 'crystal symmetry operation' 7_555 y,x,-z -0.2847576936 0.4310392462 -0.8562232327 -0.2489492868 0.4310392462 -0.7402351202 -0.5160010999 -14.9907281021 -0.8562232327 -0.5160010999 0.0249928138 -7.7545795884 
# 
loop_
_struct_conf.conf_type_id 
_struct_conf.id 
_struct_conf.pdbx_PDB_helix_id 
_struct_conf.beg_label_comp_id 
_struct_conf.beg_label_asym_id 
_struct_conf.beg_label_seq_id 
_struct_conf.pdbx_beg_PDB_ins_code 
_struct_conf.end_label_comp_id 
_struct_conf.end_label_asym_id 
_struct_conf.end_label_seq_id 
_struct_conf.pdbx_end_PDB_ins_code 
_struct_conf.beg_auth_comp_id 
_struct_conf.beg_auth_asym_id 
_struct_conf.beg_auth_seq_id 
_struct_conf.end_auth_comp_id 
_struct_conf.end_auth_asym_id 
_struct_conf.end_auth_seq_id 
_struct_conf.pdbx_PDB_helix_class 
_struct_conf.details 
_struct_conf.pdbx_PDB_helix_length 
HELX_P HELX_P1 AA1 SER A 7  ? ARG A 25 ? SER A 8  ARG A 26 1 ? 19 
HELX_P HELX_P2 AA2 ASP A 27 ? VAL A 45 ? ASP A 28 VAL A 46 1 ? 19 
HELX_P HELX_P3 AA3 ASP A 47 ? LEU A 64 ? ASP A 48 LEU A 65 1 ? 18 
# 
_struct_conf_type.id          HELX_P 
_struct_conf_type.criteria    ? 
_struct_conf_type.reference   ? 
# 
_pdbx_validate_torsion.id              1 
_pdbx_validate_torsion.PDB_model_num   1 
_pdbx_validate_torsion.auth_comp_id    ASN 
_pdbx_validate_torsion.auth_asym_id    A 
_pdbx_validate_torsion.auth_seq_id     47 
_pdbx_validate_torsion.PDB_ins_code    ? 
_pdbx_validate_torsion.label_alt_id    ? 
_pdbx_validate_torsion.phi             -88.62 
_pdbx_validate_torsion.psi             45.18 
# 
_pdbx_struct_special_symmetry.id              1 
_pdbx_struct_special_symmetry.PDB_model_num   1 
_pdbx_struct_special_symmetry.auth_asym_id    A 
_pdbx_struct_special_symmetry.auth_comp_id    HOH 
_pdbx_struct_special_symmetry.auth_seq_id     162 
_pdbx_struct_special_symmetry.PDB_ins_code    ? 
_pdbx_struct_special_symmetry.label_asym_id   B 
_pdbx_struct_special_symmetry.label_comp_id   HOH 
_pdbx_struct_special_symmetry.label_seq_id    . 
# 
loop_
_space_group_symop.id 
_space_group_symop.operation_xyz 
1 x,y,z               
2 -y+1/2,x+1/2,z+1/4  
3 y+1/2,-x+1/2,z+3/4  
4 x+1/2,-y+1/2,-z+3/4 
5 -x+1/2,y+1/2,-z+1/4 
6 -x,-y,z+1/2         
7 y,x,-z              
8 -y,-x,-z+1/2        
# 
loop_
_chem_comp_atom.comp_id 
_chem_comp_atom.atom_id 
_chem_comp_atom.type_symbol 
_chem_comp_atom.pdbx_aromatic_flag 
_chem_comp_atom.pdbx_stereo_config 
_chem_comp_atom.pdbx_ordinal 
ALA N    N N N 1   
ALA CA   C N S 2   
ALA C    C N N 3   
ALA O    O N N 4   
ALA CB   C N N 5   
ALA OXT  O N N 6   
ALA H    H N N 7   
ALA H2   H N N 8   
ALA HA   H N N 9   
ALA HB1  H N N 10  
ALA HB2  H N N 11  
ALA HB3  H N N 12  
ALA HXT  H N N 13  
ARG N    N N N 14  
ARG CA   C N S 15  
ARG C    C N N 16  
ARG O    O N N 17  
ARG CB   C N N 18  
ARG CG   C N N 19  
ARG CD   C N N 20  
ARG NE   N N N 21  
ARG CZ   C N N 22  
ARG NH1  N N N 23  
ARG NH2  N N N 24  
ARG OXT  O N N 25  
ARG H    H N N 26  
ARG H2   H N N 27  
ARG HA   H N N 28  
ARG HB2  H N N 29  
ARG HB3  H N N 30  
ARG HG2  H N N 31  
ARG HG3  H N N 32  
ARG HD2  H N N 33  
ARG HD3  H N N 34  
ARG HE   H N N 35  
ARG HH11 H N N 36  
ARG HH12 H N N 37  
ARG HH21 H N N 38  
ARG HH22 H N N 39  
ARG HXT  H N N 40  
ASN N    N N N 41  
ASN CA   C N S 42  
ASN C    C N N 43  
ASN O    O N N 44  
ASN CB   C N N 45  
ASN CG   C N N 46  
ASN OD1  O N N 47  
ASN ND2  N N N 48  
ASN OXT  O N N 49  
ASN H    H N N 50  
ASN H2   H N N 51  
ASN HA   H N N 52  
ASN HB2  H N N 53  
ASN HB3  H N N 54  
ASN HD21 H N N 55  
ASN HD22 H N N 56  
ASN HXT  H N N 57  
ASP N    N N N 58  
ASP CA   C N S 59  
ASP C    C N N 60  
ASP O    O N N 61  
ASP CB   C N N 62  
ASP CG   C N N 63  
ASP OD1  O N N 64  
ASP OD2  O N N 65  
ASP OXT  O N N 66  
ASP H    H N N 67  
ASP H2   H N N 68  
ASP HA   H N N 69  
ASP HB2  H N N 70  
ASP HB3  H N N 71  
ASP HD2  H N N 72  
ASP HXT  H N N 73  
GLN N    N N N 74  
GLN CA   C N S 75  
GLN C    C N N 76  
GLN O    O N N 77  
GLN CB   C N N 78  
GLN CG   C N N 79  
GLN CD   C N N 80  
GLN OE1  O N N 81  
GLN NE2  N N N 82  
GLN OXT  O N N 83  
GLN H    H N N 84  
GLN H2   H N N 85  
GLN HA   H N N 86  
GLN HB2  H N N 87  
GLN HB3  H N N 88  
GLN HG2  H N N 89  
GLN HG3  H N N 90  
GLN HE21 H N N 91  
GLN HE22 H N N 92  
GLN HXT  H N N 93  
GLU N    N N N 94  
GLU CA   C N S 95  
GLU C    C N N 96  
GLU O    O N N 97  
GLU CB   C N N 98  
GLU CG   C N N 99  
GLU CD   C N N 100 
GLU OE1  O N N 101 
GLU OE2  O N N 102 
GLU OXT  O N N 103 
GLU H    H N N 104 
GLU H2   H N N 105 
GLU HA   H N N 106 
GLU HB2  H N N 107 
GLU HB3  H N N 108 
GLU HG2  H N N 109 
GLU HG3  H N N 110 
GLU HE2  H N N 111 
GLU HXT  H N N 112 
GLY N    N N N 113 
GLY CA   C N N 114 
GLY C    C N N 115 
GLY O    O N N 116 
GLY OXT  O N N 117 
GLY H    H N N 118 
GLY H2   H N N 119 
GLY HA2  H N N 120 
GLY HA3  H N N 121 
GLY HXT  H N N 122 
HOH O    O N N 123 
HOH H1   H N N 124 
HOH H2   H N N 125 
ILE N    N N N 126 
ILE CA   C N S 127 
ILE C    C N N 128 
ILE O    O N N 129 
ILE CB   C N S 130 
ILE CG1  C N N 131 
ILE CG2  C N N 132 
ILE CD1  C N N 133 
ILE OXT  O N N 134 
ILE H    H N N 135 
ILE H2   H N N 136 
ILE HA   H N N 137 
ILE HB   H N N 138 
ILE HG12 H N N 139 
ILE HG13 H N N 140 
ILE HG21 H N N 141 
ILE HG22 H N N 142 
ILE HG23 H N N 143 
ILE HD11 H N N 144 
ILE HD12 H N N 145 
ILE HD13 H N N 146 
ILE HXT  H N N 147 
LEU N    N N N 148 
LEU CA   C N S 149 
LEU C    C N N 150 
LEU O    O N N 151 
LEU CB   C N N 152 
LEU CG   C N N 153 
LEU CD1  C N N 154 
LEU CD2  C N N 155 
LEU OXT  O N N 156 
LEU H    H N N 157 
LEU H2   H N N 158 
LEU HA   H N N 159 
LEU HB2  H N N 160 
LEU HB3  H N N 161 
LEU HG   H N N 162 
LEU HD11 H N N 163 
LEU HD12 H N N 164 
LEU HD13 H N N 165 
LEU HD21 H N N 166 
LEU HD22 H N N 167 
LEU HD23 H N N 168 
LEU HXT  H N N 169 
LYS N    N N N 170 
LYS CA   C N S 171 
LYS C    C N N 172 
LYS O    O N N 173 
LYS CB   C N N 174 
LYS CG   C N N 175 
LYS CD   C N N 176 
LYS CE   C N N 177 
LYS NZ   N N N 178 
LYS OXT  O N N 179 
LYS H    H N N 180 
LYS H2   H N N 181 
LYS HA   H N N 182 
LYS HB2  H N N 183 
LYS HB3  H N N 184 
LYS HG2  H N N 185 
LYS HG3  H N N 186 
LYS HD2  H N N 187 
LYS HD3  H N N 188 
LYS HE2  H N N 189 
LYS HE3  H N N 190 
LYS HZ1  H N N 191 
LYS HZ2  H N N 192 
LYS HZ3  H N N 193 
LYS HXT  H N N 194 
PHE N    N N N 195 
PHE CA   C N S 196 
PHE C    C N N 197 
PHE O    O N N 198 
PHE CB   C N N 199 
PHE CG   C Y N 200 
PHE CD1  C Y N 201 
PHE CD2  C Y N 202 
PHE CE1  C Y N 203 
PHE CE2  C Y N 204 
PHE CZ   C Y N 205 
PHE OXT  O N N 206 
PHE H    H N N 207 
PHE H2   H N N 208 
PHE HA   H N N 209 
PHE HB2  H N N 210 
PHE HB3  H N N 211 
PHE HD1  H N N 212 
PHE HD2  H N N 213 
PHE HE1  H N N 214 
PHE HE2  H N N 215 
PHE HZ   H N N 216 
PHE HXT  H N N 217 
PRO N    N N N 218 
PRO CA   C N S 219 
PRO C    C N N 220 
PRO O    O N N 221 
PRO CB   C N N 222 
PRO CG   C N N 223 
PRO CD   C N N 224 
PRO OXT  O N N 225 
PRO H    H N N 226 
PRO HA   H N N 227 
PRO HB2  H N N 228 
PRO HB3  H N N 229 
PRO HG2  H N N 230 
PRO HG3  H N N 231 
PRO HD2  H N N 232 
PRO HD3  H N N 233 
PRO HXT  H N N 234 
SER N    N N N 235 
SER CA   C N S 236 
SER C    C N N 237 
SER O    O N N 238 
SER CB   C N N 239 
SER OG   O N N 240 
SER OXT  O N N 241 
SER H    H N N 242 
SER H2   H N N 243 
SER HA   H N N 244 
SER HB2  H N N 245 
SER HB3  H N N 246 
SER HG   H N N 247 
SER HXT  H N N 248 
TRP N    N N N 249 
TRP CA   C N S 250 
TRP C    C N N 251 
TRP O    O N N 252 
TRP CB   C N N 253 
TRP CG   C Y N 254 
TRP CD1  C Y N 255 
TRP CD2  C Y N 256 
TRP NE1  N Y N 257 
TRP CE2  C Y N 258 
TRP CE3  C Y N 259 
TRP CZ2  C Y N 260 
TRP CZ3  C Y N 261 
TRP CH2  C Y N 262 
TRP OXT  O N N 263 
TRP H    H N N 264 
TRP H2   H N N 265 
TRP HA   H N N 266 
TRP HB2  H N N 267 
TRP HB3  H N N 268 
TRP HD1  H N N 269 
TRP HE1  H N N 270 
TRP HE3  H N N 271 
TRP HZ2  H N N 272 
TRP HZ3  H N N 273 
TRP HH2  H N N 274 
TRP HXT  H N N 275 
TYR N    N N N 276 
TYR CA   C N S 277 
TYR C    C N N 278 
TYR O    O N N 279 
TYR CB   C N N 280 
TYR CG   C Y N 281 
TYR CD1  C Y N 282 
TYR CD2  C Y N 283 
TYR CE1  C Y N 284 
TYR CE2  C Y N 285 
TYR CZ   C Y N 286 
TYR OH   O N N 287 
TYR OXT  O N N 288 
TYR H    H N N 289 
TYR H2   H N N 290 
TYR HA   H N N 291 
TYR HB2  H N N 292 
TYR HB3  H N N 293 
TYR HD1  H N N 294 
TYR HD2  H N N 295 
TYR HE1  H N N 296 
TYR HE2  H N N 297 
TYR HH   H N N 298 
TYR HXT  H N N 299 
VAL N    N N N 300 
VAL CA   C N S 301 
VAL C    C N N 302 
VAL O    O N N 303 
VAL CB   C N N 304 
VAL CG1  C N N 305 
VAL CG2  C N N 306 
VAL OXT  O N N 307 
VAL H    H N N 308 
VAL H2   H N N 309 
VAL HA   H N N 310 
VAL HB   H N N 311 
VAL HG11 H N N 312 
VAL HG12 H N N 313 
VAL HG13 H N N 314 
VAL HG21 H N N 315 
VAL HG22 H N N 316 
VAL HG23 H N N 317 
VAL HXT  H N N 318 
# 
loop_
_chem_comp_bond.comp_id 
_chem_comp_bond.atom_id_1 
_chem_comp_bond.atom_id_2 
_chem_comp_bond.value_order 
_chem_comp_bond.pdbx_aromatic_flag 
_chem_comp_bond.pdbx_stereo_config 
_chem_comp_bond.pdbx_ordinal 
ALA N   CA   sing N N 1   
ALA N   H    sing N N 2   
ALA N   H2   sing N N 3   
ALA CA  C    sing N N 4   
ALA CA  CB   sing N N 5   
ALA CA  HA   sing N N 6   
ALA C   O    doub N N 7   
ALA C   OXT  sing N N 8   
ALA CB  HB1  sing N N 9   
ALA CB  HB2  sing N N 10  
ALA CB  HB3  sing N N 11  
ALA OXT HXT  sing N N 12  
ARG N   CA   sing N N 13  
ARG N   H    sing N N 14  
ARG N   H2   sing N N 15  
ARG CA  C    sing N N 16  
ARG CA  CB   sing N N 17  
ARG CA  HA   sing N N 18  
ARG C   O    doub N N 19  
ARG C   OXT  sing N N 20  
ARG CB  CG   sing N N 21  
ARG CB  HB2  sing N N 22  
ARG CB  HB3  sing N N 23  
ARG CG  CD   sing N N 24  
ARG CG  HG2  sing N N 25  
ARG CG  HG3  sing N N 26  
ARG CD  NE   sing N N 27  
ARG CD  HD2  sing N N 28  
ARG CD  HD3  sing N N 29  
ARG NE  CZ   sing N N 30  
ARG NE  HE   sing N N 31  
ARG CZ  NH1  sing N N 32  
ARG CZ  NH2  doub N N 33  
ARG NH1 HH11 sing N N 34  
ARG NH1 HH12 sing N N 35  
ARG NH2 HH21 sing N N 36  
ARG NH2 HH22 sing N N 37  
ARG OXT HXT  sing N N 38  
ASN N   CA   sing N N 39  
ASN N   H    sing N N 40  
ASN N   H2   sing N N 41  
ASN CA  C    sing N N 42  
ASN CA  CB   sing N N 43  
ASN CA  HA   sing N N 44  
ASN C   O    doub N N 45  
ASN C   OXT  sing N N 46  
ASN CB  CG   sing N N 47  
ASN CB  HB2  sing N N 48  
ASN CB  HB3  sing N N 49  
ASN CG  OD1  doub N N 50  
ASN CG  ND2  sing N N 51  
ASN ND2 HD21 sing N N 52  
ASN ND2 HD22 sing N N 53  
ASN OXT HXT  sing N N 54  
ASP N   CA   sing N N 55  
ASP N   H    sing N N 56  
ASP N   H2   sing N N 57  
ASP CA  C    sing N N 58  
ASP CA  CB   sing N N 59  
ASP CA  HA   sing N N 60  
ASP C   O    doub N N 61  
ASP C   OXT  sing N N 62  
ASP CB  CG   sing N N 63  
ASP CB  HB2  sing N N 64  
ASP CB  HB3  sing N N 65  
ASP CG  OD1  doub N N 66  
ASP CG  OD2  sing N N 67  
ASP OD2 HD2  sing N N 68  
ASP OXT HXT  sing N N 69  
GLN N   CA   sing N N 70  
GLN N   H    sing N N 71  
GLN N   H2   sing N N 72  
GLN CA  C    sing N N 73  
GLN CA  CB   sing N N 74  
GLN CA  HA   sing N N 75  
GLN C   O    doub N N 76  
GLN C   OXT  sing N N 77  
GLN CB  CG   sing N N 78  
GLN CB  HB2  sing N N 79  
GLN CB  HB3  sing N N 80  
GLN CG  CD   sing N N 81  
GLN CG  HG2  sing N N 82  
GLN CG  HG3  sing N N 83  
GLN CD  OE1  doub N N 84  
GLN CD  NE2  sing N N 85  
GLN NE2 HE21 sing N N 86  
GLN NE2 HE22 sing N N 87  
GLN OXT HXT  sing N N 88  
GLU N   CA   sing N N 89  
GLU N   H    sing N N 90  
GLU N   H2   sing N N 91  
GLU CA  C    sing N N 92  
GLU CA  CB   sing N N 93  
GLU CA  HA   sing N N 94  
GLU C   O    doub N N 95  
GLU C   OXT  sing N N 96  
GLU CB  CG   sing N N 97  
GLU CB  HB2  sing N N 98  
GLU CB  HB3  sing N N 99  
GLU CG  CD   sing N N 100 
GLU CG  HG2  sing N N 101 
GLU CG  HG3  sing N N 102 
GLU CD  OE1  doub N N 103 
GLU CD  OE2  sing N N 104 
GLU OE2 HE2  sing N N 105 
GLU OXT HXT  sing N N 106 
GLY N   CA   sing N N 107 
GLY N   H    sing N N 108 
GLY N   H2   sing N N 109 
GLY CA  C    sing N N 110 
GLY CA  HA2  sing N N 111 
GLY CA  HA3  sing N N 112 
GLY C   O    doub N N 113 
GLY C   OXT  sing N N 114 
GLY OXT HXT  sing N N 115 
HOH O   H1   sing N N 116 
HOH O   H2   sing N N 117 
ILE N   CA   sing N N 118 
ILE N   H    sing N N 119 
ILE N   H2   sing N N 120 
ILE CA  C    sing N N 121 
ILE CA  CB   sing N N 122 
ILE CA  HA   sing N N 123 
ILE C   O    doub N N 124 
ILE C   OXT  sing N N 125 
ILE CB  CG1  sing N N 126 
ILE CB  CG2  sing N N 127 
ILE CB  HB   sing N N 128 
ILE CG1 CD1  sing N N 129 
ILE CG1 HG12 sing N N 130 
ILE CG1 HG13 sing N N 131 
ILE CG2 HG21 sing N N 132 
ILE CG2 HG22 sing N N 133 
ILE CG2 HG23 sing N N 134 
ILE CD1 HD11 sing N N 135 
ILE CD1 HD12 sing N N 136 
ILE CD1 HD13 sing N N 137 
ILE OXT HXT  sing N N 138 
LEU N   CA   sing N N 139 
LEU N   H    sing N N 140 
LEU N   H2   sing N N 141 
LEU CA  C    sing N N 142 
LEU CA  CB   sing N N 143 
LEU CA  HA   sing N N 144 
LEU C   O    doub N N 145 
LEU C   OXT  sing N N 146 
LEU CB  CG   sing N N 147 
LEU CB  HB2  sing N N 148 
LEU CB  HB3  sing N N 149 
LEU CG  CD1  sing N N 150 
LEU CG  CD2  sing N N 151 
LEU CG  HG   sing N N 152 
LEU CD1 HD11 sing N N 153 
LEU CD1 HD12 sing N N 154 
LEU CD1 HD13 sing N N 155 
LEU CD2 HD21 sing N N 156 
LEU CD2 HD22 sing N N 157 
LEU CD2 HD23 sing N N 158 
LEU OXT HXT  sing N N 159 
LYS N   CA   sing N N 160 
LYS N   H    sing N N 161 
LYS N   H2   sing N N 162 
LYS CA  C    sing N N 163 
LYS CA  CB   sing N N 164 
LYS CA  HA   sing N N 165 
LYS C   O    doub N N 166 
LYS C   OXT  sing N N 167 
LYS CB  CG   sing N N 168 
LYS CB  HB2  sing N N 169 
LYS CB  HB3  sing N N 170 
LYS CG  CD   sing N N 171 
LYS CG  HG2  sing N N 172 
LYS CG  HG3  sing N N 173 
LYS CD  CE   sing N N 174 
LYS CD  HD2  sing N N 175 
LYS CD  HD3  sing N N 176 
LYS CE  NZ   sing N N 177 
LYS CE  HE2  sing N N 178 
LYS CE  HE3  sing N N 179 
LYS NZ  HZ1  sing N N 180 
LYS NZ  HZ2  sing N N 181 
LYS NZ  HZ3  sing N N 182 
LYS OXT HXT  sing N N 183 
PHE N   CA   sing N N 184 
PHE N   H    sing N N 185 
PHE N   H2   sing N N 186 
PHE CA  C    sing N N 187 
PHE CA  CB   sing N N 188 
PHE CA  HA   sing N N 189 
PHE C   O    doub N N 190 
PHE C   OXT  sing N N 191 
PHE CB  CG   sing N N 192 
PHE CB  HB2  sing N N 193 
PHE CB  HB3  sing N N 194 
PHE CG  CD1  doub Y N 195 
PHE CG  CD2  sing Y N 196 
PHE CD1 CE1  sing Y N 197 
PHE CD1 HD1  sing N N 198 
PHE CD2 CE2  doub Y N 199 
PHE CD2 HD2  sing N N 200 
PHE CE1 CZ   doub Y N 201 
PHE CE1 HE1  sing N N 202 
PHE CE2 CZ   sing Y N 203 
PHE CE2 HE2  sing N N 204 
PHE CZ  HZ   sing N N 205 
PHE OXT HXT  sing N N 206 
PRO N   CA   sing N N 207 
PRO N   CD   sing N N 208 
PRO N   H    sing N N 209 
PRO CA  C    sing N N 210 
PRO CA  CB   sing N N 211 
PRO CA  HA   sing N N 212 
PRO C   O    doub N N 213 
PRO C   OXT  sing N N 214 
PRO CB  CG   sing N N 215 
PRO CB  HB2  sing N N 216 
PRO CB  HB3  sing N N 217 
PRO CG  CD   sing N N 218 
PRO CG  HG2  sing N N 219 
PRO CG  HG3  sing N N 220 
PRO CD  HD2  sing N N 221 
PRO CD  HD3  sing N N 222 
PRO OXT HXT  sing N N 223 
SER N   CA   sing N N 224 
SER N   H    sing N N 225 
SER N   H2   sing N N 226 
SER CA  C    sing N N 227 
SER CA  CB   sing N N 228 
SER CA  HA   sing N N 229 
SER C   O    doub N N 230 
SER C   OXT  sing N N 231 
SER CB  OG   sing N N 232 
SER CB  HB2  sing N N 233 
SER CB  HB3  sing N N 234 
SER OG  HG   sing N N 235 
SER OXT HXT  sing N N 236 
TRP N   CA   sing N N 237 
TRP N   H    sing N N 238 
TRP N   H2   sing N N 239 
TRP CA  C    sing N N 240 
TRP CA  CB   sing N N 241 
TRP CA  HA   sing N N 242 
TRP C   O    doub N N 243 
TRP C   OXT  sing N N 244 
TRP CB  CG   sing N N 245 
TRP CB  HB2  sing N N 246 
TRP CB  HB3  sing N N 247 
TRP CG  CD1  doub Y N 248 
TRP CG  CD2  sing Y N 249 
TRP CD1 NE1  sing Y N 250 
TRP CD1 HD1  sing N N 251 
TRP CD2 CE2  doub Y N 252 
TRP CD2 CE3  sing Y N 253 
TRP NE1 CE2  sing Y N 254 
TRP NE1 HE1  sing N N 255 
TRP CE2 CZ2  sing Y N 256 
TRP CE3 CZ3  doub Y N 257 
TRP CE3 HE3  sing N N 258 
TRP CZ2 CH2  doub Y N 259 
TRP CZ2 HZ2  sing N N 260 
TRP CZ3 CH2  sing Y N 261 
TRP CZ3 HZ3  sing N N 262 
TRP CH2 HH2  sing N N 263 
TRP OXT HXT  sing N N 264 
TYR N   CA   sing N N 265 
TYR N   H    sing N N 266 
TYR N   H2   sing N N 267 
TYR CA  C    sing N N 268 
TYR CA  CB   sing N N 269 
TYR CA  HA   sing N N 270 
TYR C   O    doub N N 271 
TYR C   OXT  sing N N 272 
TYR CB  CG   sing N N 273 
TYR CB  HB2  sing N N 274 
TYR CB  HB3  sing N N 275 
TYR CG  CD1  doub Y N 276 
TYR CG  CD2  sing Y N 277 
TYR CD1 CE1  sing Y N 278 
TYR CD1 HD1  sing N N 279 
TYR CD2 CE2  doub Y N 280 
TYR CD2 HD2  sing N N 281 
TYR CE1 CZ   doub Y N 282 
TYR CE1 HE1  sing N N 283 
TYR CE2 CZ   sing Y N 284 
TYR CE2 HE2  sing N N 285 
TYR CZ  OH   sing N N 286 
TYR OH  HH   sing N N 287 
TYR OXT HXT  sing N N 288 
VAL N   CA   sing N N 289 
VAL N   H    sing N N 290 
VAL N   H2   sing N N 291 
VAL CA  C    sing N N 292 
VAL CA  CB   sing N N 293 
VAL CA  HA   sing N N 294 
VAL C   O    doub N N 295 
VAL C   OXT  sing N N 296 
VAL CB  CG1  sing N N 297 
VAL CB  CG2  sing N N 298 
VAL CB  HB   sing N N 299 
VAL CG1 HG11 sing N N 300 
VAL CG1 HG12 sing N N 301 
VAL CG1 HG13 sing N N 302 
VAL CG2 HG21 sing N N 303 
VAL CG2 HG22 sing N N 304 
VAL CG2 HG23 sing N N 305 
VAL OXT HXT  sing N N 306 
# 
loop_
_pdbx_audit_support.funding_organization 
_pdbx_audit_support.country 
_pdbx_audit_support.grant_number 
_pdbx_audit_support.ordinal 
'Howard Hughes Medical Institute (HHMI)'                                                          'United States' ?           1 
'National Institutes of Health/National Institute Of Allergy and Infectious Diseases (NIH/NIAID)' 'United States' RO1-AI51321 2 
'The Mark Foundation'                                                                             'United States' ?           3 
# 
_pdbx_initial_refinement_model.id               1 
_pdbx_initial_refinement_model.entity_id_list   ? 
_pdbx_initial_refinement_model.type             'in silico model' 
_pdbx_initial_refinement_model.source_name      RoseTTAFold 
_pdbx_initial_refinement_model.accession_code   ? 
_pdbx_initial_refinement_model.details          ? 
# 
_space_group.name_H-M_alt     'P 41 21 2' 
_space_group.name_Hall        'P 4abw 2nw' 
_space_group.IT_number        92 
_space_group.crystal_system   tetragonal 
_space_group.id               1 
# 
_atom_sites.entry_id                    8UPB 
_atom_sites.Cartn_transf_matrix[1][1]   ? 
_atom_sites.Cartn_transf_matrix[1][2]   ? 
_atom_sites.Cartn_transf_matrix[1][3]   ? 
_atom_sites.Cartn_transf_matrix[2][1]   ? 
_atom_sites.Cartn_transf_matrix[2][2]   ? 
_atom_sites.Cartn_transf_matrix[2][3]   ? 
_atom_sites.Cartn_transf_matrix[3][1]   ? 
_atom_sites.Cartn_transf_matrix[3][2]   ? 
_atom_sites.Cartn_transf_matrix[3][3]   ? 
_atom_sites.Cartn_transf_vector[1]      ? 
_atom_sites.Cartn_transf_vector[2]      ? 
_atom_sites.Cartn_transf_vector[3]      ? 
_atom_sites.Cartn_transform_axes        ? 
_atom_sites.fract_transf_matrix[1][1]   0.00921333 
_atom_sites.fract_transf_matrix[1][2]   0.01878061 
_atom_sites.fract_transf_matrix[1][3]   -0.00386023 
_atom_sites.fract_transf_matrix[2][1]   0.00877683 
_atom_sites.fract_transf_matrix[2][2]   -0.00793888 
_atom_sites.fract_transf_matrix[2][3]   -0.01767596 
_atom_sites.fract_transf_matrix[3][1]   -0.01079905 
_atom_sites.fract_transf_matrix[3][2]   0.00384102 
_atom_sites.fract_transf_matrix[3][3]   -0.00708730 
_atom_sites.fract_transf_vector[1]      0.355587 
_atom_sites.fract_transf_vector[2]      0.101692 
_atom_sites.fract_transf_vector[3]      -0.000034 
_atom_sites.solution_primary            ? 
_atom_sites.solution_secondary          ? 
_atom_sites.solution_hydrogens          ? 
_atom_sites.special_details             ? 
# 
loop_
_atom_type.symbol 
_atom_type.scat_dispersion_real 
_atom_type.scat_dispersion_imag 
_atom_type.scat_Cromer_Mann_a1 
_atom_type.scat_Cromer_Mann_a2 
_atom_type.scat_Cromer_Mann_a3 
_atom_type.scat_Cromer_Mann_a4 
_atom_type.scat_Cromer_Mann_b1 
_atom_type.scat_Cromer_Mann_b2 
_atom_type.scat_Cromer_Mann_b3 
_atom_type.scat_Cromer_Mann_b4 
_atom_type.scat_Cromer_Mann_c 
_atom_type.scat_source 
_atom_type.scat_dispersion_source 
C ? ? 3.54356 2.42580 ? ? 25.62398 1.50364 ? ? 0.0 
;2-Gaussian fit: Grosse-Kunstleve RW, Sauter NK, Adams PD: Newsletter of the IUCr Commission on Crystallographic Computing 2004, 3, 22-31.
;
? 
H ? ? 0.51345 0.48472 ? ? 24.73122 6.32584 ? ? 0.0 
;2-Gaussian fit: Grosse-Kunstleve RW, Sauter NK, Adams PD: Newsletter of the IUCr Commission on Crystallographic Computing 2004, 3, 22-31.
;
? 
N ? ? 4.01032 2.96436 ? ? 19.97189 1.75589 ? ? 0.0 
;2-Gaussian fit: Grosse-Kunstleve RW, Sauter NK, Adams PD: Newsletter of the IUCr Commission on Crystallographic Computing 2004, 3, 22-31.
;
? 
O ? ? 4.49882 3.47563 ? ? 15.80542 1.70748 ? ? 0.0 
;2-Gaussian fit: Grosse-Kunstleve RW, Sauter NK, Adams PD: Newsletter of the IUCr Commission on Crystallographic Computing 2004, 3, 22-31.
;
? 
# 
loop_
_atom_site.group_PDB 
_atom_site.id 
_atom_site.type_symbol 
_atom_site.label_atom_id 
_atom_site.label_alt_id 
_atom_site.label_comp_id 
_atom_site.label_asym_id 
_atom_site.label_entity_id 
_atom_site.label_seq_id 
_atom_site.pdbx_PDB_ins_code 
_atom_site.Cartn_x 
_atom_site.Cartn_y 
_atom_site.Cartn_z 
_atom_site.occupancy 
_atom_site.B_iso_or_equiv 
_atom_site.pdbx_formal_charge 
_atom_site.auth_seq_id 
_atom_site.auth_comp_id 
_atom_site.auth_asym_id 
_atom_site.auth_atom_id 
_atom_site.pdbx_PDB_model_num 
ATOM   1   N N    . ALA A 1 1  ? -7.382  4.945   16.802  1.00 44.35 ? 2   ALA A N    1 
ATOM   2   C CA   . ALA A 1 1  ? -8.688  4.732   16.179  1.00 45.90 ? 2   ALA A CA   1 
ATOM   3   C C    . ALA A 1 1  ? -8.735  5.311   14.766  1.00 34.98 ? 2   ALA A C    1 
ATOM   4   O O    . ALA A 1 1  ? -8.035  6.274   14.452  1.00 36.60 ? 2   ALA A O    1 
ATOM   5   C CB   . ALA A 1 1  ? -9.797  5.346   17.041  1.00 43.28 ? 2   ALA A CB   1 
ATOM   6   N N    . ASN A 1 2  ? -9.571  4.723   13.909  1.00 28.16 ? 3   ASN A N    1 
ATOM   7   C CA   . ASN A 1 2  ? -9.785  5.269   12.566  1.00 26.23 ? 3   ASN A CA   1 
ATOM   8   C C    . ASN A 1 2  ? -11.225 4.924   12.192  1.00 25.27 ? 3   ASN A C    1 
ATOM   9   O O    . ASN A 1 2  ? -11.521 3.767   11.881  1.00 24.78 ? 3   ASN A O    1 
ATOM   10  C CB   . ASN A 1 2  ? -8.780  4.675   11.581  1.00 24.81 ? 3   ASN A CB   1 
ATOM   11  C CG   . ASN A 1 2  ? -8.881  5.288   10.194  1.00 30.10 ? 3   ASN A CG   1 
ATOM   12  O OD1  . ASN A 1 2  ? -9.966  5.649   9.752   1.00 28.59 ? 3   ASN A OD1  1 
ATOM   13  N ND2  . ASN A 1 2  ? -7.749  5.400   9.498   1.00 28.21 ? 3   ASN A ND2  1 
ATOM   14  N N    . LEU A 1 3  ? -12.115 5.923   12.237  1.00 23.26 ? 4   LEU A N    1 
ATOM   15  C CA   . LEU A 1 3  ? -13.531 5.676   11.961  1.00 23.29 ? 4   LEU A CA   1 
ATOM   16  C C    . LEU A 1 3  ? -13.828 5.384   10.494  1.00 19.88 ? 4   LEU A C    1 
ATOM   17  O O    . LEU A 1 3  ? -14.925 4.901   10.196  1.00 21.81 ? 4   LEU A O    1 
ATOM   18  C CB   . LEU A 1 3  ? -14.399 6.857   12.423  1.00 25.17 ? 4   LEU A CB   1 
ATOM   19  C CG   . LEU A 1 3  ? -14.433 7.109   13.929  1.00 31.71 ? 4   LEU A CG   1 
ATOM   20  C CD1  . LEU A 1 3  ? -15.412 8.243   14.254  1.00 29.21 ? 4   LEU A CD1  1 
ATOM   21  C CD2  . LEU A 1 3  ? -14.800 5.838   14.673  1.00 30.81 ? 4   LEU A CD2  1 
ATOM   22  N N    . TYR A 1 4  ? -12.893 5.674   9.581   1.00 23.13 ? 5   TYR A N    1 
ATOM   23  C CA   . TYR A 1 4  ? -13.117 5.432   8.153   1.00 21.65 ? 5   TYR A CA   1 
ATOM   24  C C    . TYR A 1 4  ? -13.134 3.949   7.800   1.00 19.29 ? 5   TYR A C    1 
ATOM   25  O O    . TYR A 1 4  ? -13.748 3.571   6.796   1.00 20.52 ? 5   TYR A O    1 
ATOM   26  C CB   . TYR A 1 4  ? -11.994 6.070   7.325   1.00 22.69 ? 5   TYR A CB   1 
ATOM   27  C CG   . TYR A 1 4  ? -11.927 7.574   7.348   1.00 21.24 ? 5   TYR A CG   1 
ATOM   28  C CD1  . TYR A 1 4  ? -12.846 8.337   6.628   1.00 23.84 ? 5   TYR A CD1  1 
ATOM   29  C CD2  . TYR A 1 4  ? -10.924 8.238   8.045   1.00 24.03 ? 5   TYR A CD2  1 
ATOM   30  C CE1  . TYR A 1 4  ? -12.785 9.705   6.629   1.00 22.49 ? 5   TYR A CE1  1 
ATOM   31  C CE2  . TYR A 1 4  ? -10.853 9.624   8.048   1.00 27.07 ? 5   TYR A CE2  1 
ATOM   32  C CZ   . TYR A 1 4  ? -11.789 10.351  7.333   1.00 23.03 ? 5   TYR A CZ   1 
ATOM   33  O OH   . TYR A 1 4  ? -11.739 11.728  7.320   1.00 27.98 ? 5   TYR A OH   1 
ATOM   34  N N    . PHE A 1 5  ? -12.441 3.105   8.568   1.00 23.25 ? 6   PHE A N    1 
ATOM   35  C CA   . PHE A 1 5  ? -12.230 1.706   8.203   1.00 22.29 ? 6   PHE A CA   1 
ATOM   36  C C    . PHE A 1 5  ? -12.560 0.777   9.361   1.00 22.97 ? 6   PHE A C    1 
ATOM   37  O O    . PHE A 1 5  ? -12.372 1.124   10.528  1.00 26.73 ? 6   PHE A O    1 
ATOM   38  C CB   . PHE A 1 5  ? -10.761 1.458   7.784   1.00 22.13 ? 6   PHE A CB   1 
ATOM   39  C CG   . PHE A 1 5  ? -10.316 2.362   6.680   1.00 21.97 ? 6   PHE A CG   1 
ATOM   40  C CD1  . PHE A 1 5  ? -10.824 2.187   5.403   1.00 23.11 ? 6   PHE A CD1  1 
ATOM   41  C CD2  . PHE A 1 5  ? -9.448  3.416   6.928   1.00 20.70 ? 6   PHE A CD2  1 
ATOM   42  C CE1  . PHE A 1 5  ? -10.454 3.034   4.378   1.00 26.06 ? 6   PHE A CE1  1 
ATOM   43  C CE2  . PHE A 1 5  ? -9.068  4.269   5.883   1.00 23.28 ? 6   PHE A CE2  1 
ATOM   44  C CZ   . PHE A 1 5  ? -9.570  4.066   4.624   1.00 23.92 ? 6   PHE A CZ   1 
ATOM   45  N N    . GLN A 1 6  ? -13.013 -0.428  9.014   1.00 22.27 ? 7   GLN A N    1 
ATOM   46  C CA   . GLN A 1 6  ? -13.315 -1.419  10.042  1.00 25.28 ? 7   GLN A CA   1 
ATOM   47  C C    . GLN A 1 6  ? -12.045 -1.976  10.671  1.00 27.74 ? 7   GLN A C    1 
ATOM   48  O O    . GLN A 1 6  ? -12.067 -2.407  11.830  1.00 28.81 ? 7   GLN A O    1 
ATOM   49  C CB   . GLN A 1 6  ? -14.131 -2.557  9.444   1.00 28.85 ? 7   GLN A CB   1 
ATOM   50  C CG   . GLN A 1 6  ? -14.453 -3.671  10.441  1.00 37.85 ? 7   GLN A CG   1 
ATOM   51  C CD   . GLN A 1 6  ? -15.135 -4.867  9.798   1.00 43.01 ? 7   GLN A CD   1 
ATOM   52  O OE1  . GLN A 1 6  ? -15.420 -4.865  8.600   1.00 36.12 ? 7   GLN A OE1  1 
ATOM   53  N NE2  . GLN A 1 6  ? -15.401 -5.900  10.599  1.00 47.16 ? 7   GLN A NE2  1 
ATOM   54  N N    . SER A 1 7  ? -10.931 -1.968  9.942   1.00 25.54 ? 8   SER A N    1 
ATOM   55  C CA   . SER A 1 7  ? -9.744  -2.695  10.375  1.00 23.40 ? 8   SER A CA   1 
ATOM   56  C C    . SER A 1 7  ? -8.533  -2.146  9.641   1.00 22.38 ? 8   SER A C    1 
ATOM   57  O O    . SER A 1 7  ? -8.651  -1.433  8.639   1.00 21.91 ? 8   SER A O    1 
ATOM   58  C CB   . SER A 1 7  ? -9.868  -4.181  10.045  1.00 23.66 ? 8   SER A CB   1 
ATOM   59  O OG   . SER A 1 7  ? -9.858  -4.377  8.640   1.00 26.00 ? 8   SER A OG   1 
ATOM   60  N N    . ASP A 1 8  ? -7.353  -2.516  10.145  1.00 21.32 ? 9   ASP A N    1 
ATOM   61  C CA   . ASP A 1 8  ? -6.118  -2.154  9.464   1.00 21.97 ? 9   ASP A CA   1 
ATOM   62  C C    . ASP A 1 8  ? -6.060  -2.800  8.084   1.00 20.99 ? 9   ASP A C    1 
ATOM   63  O O    . ASP A 1 8  ? -5.547  -2.200  7.133   1.00 19.97 ? 9   ASP A O    1 
ATOM   64  C CB   . ASP A 1 8  ? -4.914  -2.578  10.303  1.00 22.34 ? 9   ASP A CB   1 
ATOM   65  C CG   . ASP A 1 8  ? -4.799  -1.804  11.605  1.00 26.31 ? 9   ASP A CG   1 
ATOM   66  O OD1  . ASP A 1 8  ? -5.087  -0.587  11.642  1.00 28.67 ? 9   ASP A OD1  1 
ATOM   67  O OD2  . ASP A 1 8  ? -4.385  -2.430  12.600  1.00 31.75 ? 9   ASP A OD2  1 
ATOM   68  H H    . ASP A 1 8  ? -7.245  -2.969  10.869  1.00 25.62 ? 9   ASP A H    1 
ATOM   69  H HA   . ASP A 1 8  ? -6.082  -1.191  9.356   1.00 26.40 ? 9   ASP A HA   1 
ATOM   70  N N    A ARG A 1 9  ? -6.594  -4.020  7.963   0.49 22.35 ? 10  ARG A N    1 
ATOM   71  N N    B ARG A 1 9  ? -6.572  -4.025  7.959   0.51 22.34 ? 10  ARG A N    1 
ATOM   72  C CA   A ARG A 1 9  ? -6.607  -4.711  6.675   0.49 24.10 ? 10  ARG A CA   1 
ATOM   73  C CA   B ARG A 1 9  ? -6.561  -4.661  6.647   0.51 24.13 ? 10  ARG A CA   1 
ATOM   74  C C    A ARG A 1 9  ? -7.424  -3.944  5.640   0.49 20.50 ? 10  ARG A C    1 
ATOM   75  C C    B ARG A 1 9  ? -7.372  -3.853  5.643   0.51 20.61 ? 10  ARG A C    1 
ATOM   76  O O    A ARG A 1 9  ? -7.062  -3.902  4.460   0.49 20.67 ? 10  ARG A O    1 
ATOM   77  O O    B ARG A 1 9  ? -6.960  -3.690  4.491   0.51 20.51 ? 10  ARG A O    1 
ATOM   78  C CB   A ARG A 1 9  ? -7.157  -6.130  6.856   0.49 23.82 ? 10  ARG A CB   1 
ATOM   79  C CB   B ARG A 1 9  ? -7.076  -6.097  6.704   0.51 23.90 ? 10  ARG A CB   1 
ATOM   80  C CG   A ARG A 1 9  ? -7.263  -6.926  5.567   0.49 26.64 ? 10  ARG A CG   1 
ATOM   81  C CG   B ARG A 1 9  ? -6.872  -6.783  5.358   0.51 26.90 ? 10  ARG A CG   1 
ATOM   82  C CD   A ARG A 1 9  ? -7.739  -8.355  5.815   0.49 31.16 ? 10  ARG A CD   1 
ATOM   83  C CD   B ARG A 1 9  ? -7.630  -8.073  5.228   0.51 33.96 ? 10  ARG A CD   1 
ATOM   84  N NE   A ARG A 1 9  ? -6.719  -9.203  6.423   0.49 45.71 ? 10  ARG A NE   1 
ATOM   85  N NE   B ARG A 1 9  ? -7.344  -8.723  3.956   0.51 27.36 ? 10  ARG A NE   1 
ATOM   86  C CZ   A ARG A 1 9  ? -6.611  -9.428  7.724   0.49 31.52 ? 10  ARG A CZ   1 
ATOM   87  C CZ   B ARG A 1 9  ? -6.449  -9.685  3.803   0.51 24.57 ? 10  ARG A CZ   1 
ATOM   88  N NH1  A ARG A 1 9  ? -7.423  -8.851  8.594   0.49 40.29 ? 10  ARG A NH1  1 
ATOM   89  N NH1  B ARG A 1 9  ? -5.701  -10.096 4.815   0.51 29.46 ? 10  ARG A NH1  1 
ATOM   90  N NH2  A ARG A 1 9  ? -5.674  -10.258 8.164   0.49 26.42 ? 10  ARG A NH2  1 
ATOM   91  N NH2  B ARG A 1 9  ? -6.314  -10.263 2.612   0.51 30.86 ? 10  ARG A NH2  1 
ATOM   92  H H    A ARG A 1 9  ? -6.951  -4.464  8.606   0.49 26.85 ? 10  ARG A H    1 
ATOM   93  H H    B ARG A 1 9  ? -6.919  -4.490  8.594   0.51 26.85 ? 10  ARG A H    1 
ATOM   94  H HA   A ARG A 1 9  ? -5.698  -4.778  6.343   0.49 28.95 ? 10  ARG A HA   1 
ATOM   95  H HA   B ARG A 1 9  ? -5.638  -4.705  6.352   0.51 28.99 ? 10  ARG A HA   1 
ATOM   96  N N    . GLU A 1 10 ? -8.522  -3.320  6.067   1.00 22.44 ? 11  GLU A N    1 
ATOM   97  C CA   . GLU A 1 10 ? -9.331  -2.526  5.150   1.00 22.06 ? 11  GLU A CA   1 
ATOM   98  C C    . GLU A 1 10 ? -8.618  -1.230  4.767   1.00 20.87 ? 11  GLU A C    1 
ATOM   99  O O    . GLU A 1 10 ? -8.649  -0.804  3.602   1.00 19.82 ? 11  GLU A O    1 
ATOM   100 C CB   . GLU A 1 10 ? -10.684 -2.259  5.806   1.00 21.04 ? 11  GLU A CB   1 
ATOM   101 C CG   . GLU A 1 10 ? -11.596 -3.487  5.792   1.00 31.59 ? 11  GLU A CG   1 
ATOM   102 C CD   . GLU A 1 10 ? -12.115 -3.810  4.389   1.00 42.67 ? 11  GLU A CD   1 
ATOM   103 O OE1  . GLU A 1 10 ? -12.061 -2.918  3.516   1.00 39.94 ? 11  GLU A OE1  1 
ATOM   104 O OE2  . GLU A 1 10 ? -12.571 -4.951  4.150   1.00 36.65 ? 11  GLU A OE2  1 
ATOM   105 N N    . GLU A 1 11 ? -7.970  -0.584  5.732   1.00 19.60 ? 12  GLU A N    1 
ATOM   106 C CA   . GLU A 1 11 ? -7.167  0.587   5.414   1.00 16.86 ? 12  GLU A CA   1 
ATOM   107 C C    . GLU A 1 11 ? -6.075  0.238   4.412   1.00 18.50 ? 12  GLU A C    1 
ATOM   108 O O    . GLU A 1 11 ? -5.802  1.010   3.486   1.00 19.50 ? 12  GLU A O    1 
ATOM   109 C CB   . GLU A 1 11 ? -6.548  1.173   6.678   1.00 20.05 ? 12  GLU A CB   1 
ATOM   110 C CG   . GLU A 1 11 ? -5.798  2.426   6.379   1.00 22.41 ? 12  GLU A CG   1 
ATOM   111 C CD   . GLU A 1 11 ? -5.236  3.123   7.604   1.00 29.76 ? 12  GLU A CD   1 
ATOM   112 O OE1  . GLU A 1 11 ? -5.402  2.632   8.741   1.00 30.48 ? 12  GLU A OE1  1 
ATOM   113 O OE2  . GLU A 1 11 ? -4.622  4.189   7.409   1.00 28.02 ? 12  GLU A OE2  1 
ATOM   114 H H    . GLU A 1 11 ? -7.979  -0.801  6.564   1.00 23.56 ? 12  GLU A H    1 
ATOM   115 H HA   . GLU A 1 11 ? -7.745  1.262   5.023   1.00 20.27 ? 12  GLU A HA   1 
ATOM   116 N N    . PHE A 1 12 ? -5.427  -0.917  4.596   1.00 20.46 ? 13  PHE A N    1 
ATOM   117 C CA   . PHE A 1 12 ? -4.416  -1.354  3.640   1.00 18.44 ? 13  PHE A CA   1 
ATOM   118 C C    . PHE A 1 12 ? -4.990  -1.439  2.229   1.00 19.62 ? 13  PHE A C    1 
ATOM   119 O O    . PHE A 1 12 ? -4.373  -0.963  1.271   1.00 18.60 ? 13  PHE A O    1 
ATOM   120 C CB   . PHE A 1 12 ? -3.850  -2.712  4.056   1.00 18.29 ? 13  PHE A CB   1 
ATOM   121 C CG   . PHE A 1 12 ? -2.634  -3.137  3.256   1.00 18.77 ? 13  PHE A CG   1 
ATOM   122 C CD1  . PHE A 1 12 ? -1.374  -2.698  3.630   1.00 20.10 ? 13  PHE A CD1  1 
ATOM   123 C CD2  . PHE A 1 12 ? -2.752  -3.982  2.151   1.00 19.17 ? 13  PHE A CD2  1 
ATOM   124 C CE1  . PHE A 1 12 ? -0.221  -3.082  2.921   1.00 22.13 ? 13  PHE A CE1  1 
ATOM   125 C CE2  . PHE A 1 12 ? -1.609  -4.363  1.431   1.00 17.80 ? 13  PHE A CE2  1 
ATOM   126 C CZ   . PHE A 1 12 ? -0.338  -3.921  1.831   1.00 18.93 ? 13  PHE A CZ   1 
ATOM   127 H H    . PHE A 1 12 ? -5.556  -1.455  5.256   1.00 24.58 ? 13  PHE A H    1 
ATOM   128 H HA   . PHE A 1 12 ? -3.695  -0.706  3.641   1.00 22.17 ? 13  PHE A HA   1 
ATOM   129 N N    . GLN A 1 13 ? -6.159  -2.071  2.078   1.00 18.68 ? 14  GLN A N    1 
ATOM   130 C CA   . GLN A 1 13 ? -6.783  -2.175  0.759   1.00 19.07 ? 14  GLN A CA   1 
ATOM   131 C C    . GLN A 1 13 ? -7.038  -0.800  0.152   1.00 19.10 ? 14  GLN A C    1 
ATOM   132 O O    . GLN A 1 13 ? -6.794  -0.578  -1.044  1.00 19.94 ? 14  GLN A O    1 
ATOM   133 C CB   . GLN A 1 13 ? -8.090  -2.955  0.853   1.00 20.99 ? 14  GLN A CB   1 
ATOM   134 C CG   . GLN A 1 13 ? -8.746  -3.144  -0.530  1.00 20.34 ? 14  GLN A CG   1 
ATOM   135 C CD   . GLN A 1 13 ? -10.184 -3.642  -0.456  1.00 20.70 ? 14  GLN A CD   1 
ATOM   136 O OE1  . GLN A 1 13 ? -10.516 -4.496  0.360   1.00 24.42 ? 14  GLN A OE1  1 
ATOM   137 N NE2  . GLN A 1 13 ? -11.043 -3.097  -1.314  1.00 24.03 ? 14  GLN A NE2  1 
ATOM   138 H H    . GLN A 1 13 ? -6.605  -2.441  2.714   1.00 22.45 ? 14  GLN A H    1 
ATOM   139 H HA   . GLN A 1 13 ? -6.180  -2.661  0.174   1.00 22.92 ? 14  GLN A HA   1 
ATOM   140 N N    . TRP A 1 14 ? -7.537  0.139   0.962   1.00 19.30 ? 15  TRP A N    1 
ATOM   141 C CA   . TRP A 1 14 ? -7.721  1.513   0.508   1.00 19.69 ? 15  TRP A CA   1 
ATOM   142 C C    . TRP A 1 14 ? -6.422  2.105   -0.031  1.00 18.32 ? 15  TRP A C    1 
ATOM   143 O O    . TRP A 1 14 ? -6.400  2.709   -1.116  1.00 20.44 ? 15  TRP A O    1 
ATOM   144 C CB   . TRP A 1 14 ? -8.259  2.356   1.674   1.00 21.17 ? 15  TRP A CB   1 
ATOM   145 C CG   . TRP A 1 14 ? -8.416  3.786   1.344   1.00 22.02 ? 15  TRP A CG   1 
ATOM   146 C CD1  . TRP A 1 14 ? -7.589  4.806   1.712   1.00 25.60 ? 15  TRP A CD1  1 
ATOM   147 C CD2  . TRP A 1 14 ? -9.463  4.368   0.569   1.00 22.26 ? 15  TRP A CD2  1 
ATOM   148 N NE1  . TRP A 1 14 ? -8.067  6.000   1.212   1.00 22.99 ? 15  TRP A NE1  1 
ATOM   149 C CE2  . TRP A 1 14 ? -9.206  5.754   0.496   1.00 21.00 ? 15  TRP A CE2  1 
ATOM   150 C CE3  . TRP A 1 14 ? -10.590 3.852   -0.081  1.00 21.45 ? 15  TRP A CE3  1 
ATOM   151 C CZ2  . TRP A 1 14 ? -10.058 6.630   -0.178  1.00 23.71 ? 15  TRP A CZ2  1 
ATOM   152 C CZ3  . TRP A 1 14 ? -11.428 4.726   -0.768  1.00 24.54 ? 15  TRP A CZ3  1 
ATOM   153 C CH2  . TRP A 1 14 ? -11.156 6.095   -0.809  1.00 23.27 ? 15  TRP A CH2  1 
ATOM   154 H H    . TRP A 1 14 ? -7.775  0.005   1.777   1.00 23.19 ? 15  TRP A H    1 
ATOM   155 H HA   . TRP A 1 14 ? -8.367  1.527   -0.216  1.00 23.66 ? 15  TRP A HA   1 
ATOM   156 N N    . LEU A 1 15 ? -5.321  1.938   0.715   1.00 18.62 ? 16  LEU A N    1 
ATOM   157 C CA   . LEU A 1 15 ? -4.041  2.468   0.277   1.00 18.80 ? 16  LEU A CA   1 
ATOM   158 C C    . LEU A 1 15 ? -3.545  1.786   -0.997  1.00 18.31 ? 16  LEU A C    1 
ATOM   159 O O    . LEU A 1 15 ? -2.900  2.437   -1.821  1.00 20.02 ? 16  LEU A O    1 
ATOM   160 C CB   . LEU A 1 15 ? -3.022  2.351   1.404   1.00 18.90 ? 16  LEU A CB   1 
ATOM   161 C CG   . LEU A 1 15 ? -3.294  3.285   2.579   1.00 20.90 ? 16  LEU A CG   1 
ATOM   162 C CD1  . LEU A 1 15 ? -2.440  2.838   3.766   1.00 24.33 ? 16  LEU A CD1  1 
ATOM   163 C CD2  . LEU A 1 15 ? -3.006  4.729   2.205   1.00 29.50 ? 16  LEU A CD2  1 
ATOM   164 H H    . LEU A 1 15 ? -5.297  1.525   1.469   1.00 22.38 ? 16  LEU A H    1 
ATOM   165 H HA   . LEU A 1 15 ? -4.142  3.411   0.070   1.00 22.59 ? 16  LEU A HA   1 
ATOM   166 N N    . VAL A 1 16 ? -3.830  0.489   -1.163  1.00 17.94 ? 17  VAL A N    1 
ATOM   167 C CA   . VAL A 1 16 ? -3.452  -0.230  -2.379  1.00 18.89 ? 17  VAL A CA   1 
ATOM   168 C C    . VAL A 1 16 ? -4.188  0.346   -3.570  1.00 18.00 ? 17  VAL A C    1 
ATOM   169 O O    . VAL A 1 16 ? -3.605  0.566   -4.636  1.00 18.56 ? 17  VAL A O    1 
ATOM   170 C CB   . VAL A 1 16 ? -3.700  -1.740  -2.227  1.00 17.17 ? 17  VAL A CB   1 
ATOM   171 C CG1  . VAL A 1 16 ? -3.442  -2.453  -3.561  1.00 19.20 ? 17  VAL A CG1  1 
ATOM   172 C CG2  . VAL A 1 16 ? -2.784  -2.334  -1.133  1.00 18.24 ? 17  VAL A CG2  1 
ATOM   173 H H    . VAL A 1 16 ? -4.243  0.004   -0.585  1.00 21.56 ? 17  VAL A H    1 
ATOM   174 H HA   . VAL A 1 16 ? -2.500  -0.110  -2.522  1.00 22.71 ? 17  VAL A HA   1 
ATOM   175 N N    . GLU A 1 17 ? -5.473  0.647   -3.393  1.00 19.87 ? 18  GLU A N    1 
ATOM   176 C CA   . GLU A 1 17 ? -6.233  1.267   -4.469  1.00 21.96 ? 18  GLU A CA   1 
ATOM   177 C C    . GLU A 1 17 ? -5.670  2.634   -4.834  1.00 19.00 ? 18  GLU A C    1 
ATOM   178 O O    . GLU A 1 17 ? -5.605  2.984   -6.016  1.00 21.39 ? 18  GLU A O    1 
ATOM   179 C CB   . GLU A 1 17 ? -7.704  1.385   -4.078  1.00 20.20 ? 18  GLU A CB   1 
ATOM   180 C CG   . GLU A 1 17 ? -8.376  0.067   -3.949  1.00 21.22 ? 18  GLU A CG   1 
ATOM   181 C CD   . GLU A 1 17 ? -9.840  0.223   -3.629  1.00 29.45 ? 18  GLU A CD   1 
ATOM   182 O OE1  . GLU A 1 17 ? -10.511 1.020   -4.318  1.00 35.22 ? 18  GLU A OE1  1 
ATOM   183 O OE2  . GLU A 1 17 ? -10.310 -0.436  -2.704  1.00 27.35 ? 18  GLU A OE2  1 
ATOM   184 H H    . GLU A 1 17 ? -5.919  0.505   -2.670  1.00 23.89 ? 18  GLU A H    1 
ATOM   185 H HA   . GLU A 1 17 ? -6.175  0.698   -5.252  1.00 26.39 ? 18  GLU A HA   1 
ATOM   186 N N    . GLU A 1 18 ? -5.274  3.428   -3.829  1.00 19.95 ? 19  GLU A N    1 
ATOM   187 C CA   . GLU A 1 18 ? -4.688  4.736   -4.092  1.00 21.69 ? 19  GLU A CA   1 
ATOM   188 C C    . GLU A 1 18 ? -3.352  4.596   -4.804  1.00 20.47 ? 19  GLU A C    1 
ATOM   189 O O    . GLU A 1 18 ? -3.059  5.337   -5.753  1.00 21.50 ? 19  GLU A O    1 
ATOM   190 C CB   . GLU A 1 18 ? -4.537  5.499   -2.775  1.00 23.28 ? 19  GLU A CB   1 
ATOM   191 C CG   . GLU A 1 18 ? -3.974  6.898   -2.907  1.00 37.32 ? 19  GLU A CG   1 
ATOM   192 C CD   . GLU A 1 18 ? -3.740  7.555   -1.554  1.00 75.75 ? 19  GLU A CD   1 
ATOM   193 O OE1  . GLU A 1 18 ? -3.644  6.824   -0.543  1.00 74.76 ? 19  GLU A OE1  1 
ATOM   194 O OE2  . GLU A 1 18 ? -3.657  8.802   -1.497  1.00 78.13 ? 19  GLU A OE2  1 
ATOM   195 H H    . GLU A 1 18 ? -5.337  3.230   -2.994  1.00 23.98 ? 19  GLU A H    1 
ATOM   196 H HA   . GLU A 1 18 ? -5.275  5.250   -4.668  1.00 26.07 ? 19  GLU A HA   1 
ATOM   197 N N    . PHE A 1 19 ? -2.528  3.651   -4.356  1.00 19.91 ? 20  PHE A N    1 
ATOM   198 C CA   . PHE A 1 19 ? -1.268  3.362   -5.024  1.00 20.39 ? 20  PHE A CA   1 
ATOM   199 C C    . PHE A 1 19 ? -1.489  3.045   -6.493  1.00 21.03 ? 20  PHE A C    1 
ATOM   200 O O    . PHE A 1 19 ? -0.800  3.580   -7.370  1.00 19.34 ? 20  PHE A O    1 
ATOM   201 C CB   . PHE A 1 19 ? -0.620  2.161   -4.331  1.00 19.81 ? 20  PHE A CB   1 
ATOM   202 C CG   . PHE A 1 19 ? 0.616   1.648   -5.016  1.00 16.51 ? 20  PHE A CG   1 
ATOM   203 C CD1  . PHE A 1 19 ? 1.840   2.267   -4.829  1.00 18.91 ? 20  PHE A CD1  1 
ATOM   204 C CD2  . PHE A 1 19 ? 0.561   0.519   -5.833  1.00 22.07 ? 20  PHE A CD2  1 
ATOM   205 C CE1  . PHE A 1 19 ? 2.987   1.780   -5.452  1.00 21.01 ? 20  PHE A CE1  1 
ATOM   206 C CE2  . PHE A 1 19 ? 1.711   0.025   -6.461  1.00 21.62 ? 20  PHE A CE2  1 
ATOM   207 C CZ   . PHE A 1 19 ? 2.926   0.662   -6.261  1.00 19.97 ? 20  PHE A CZ   1 
ATOM   208 H H    . PHE A 1 19 ? -2.678  3.162   -3.665  1.00 23.93 ? 20  PHE A H    1 
ATOM   209 H HA   . PHE A 1 19 ? -0.683  4.134   -4.964  1.00 24.50 ? 20  PHE A HA   1 
ATOM   210 N N    . ILE A 1 20 ? -2.438  2.159   -6.776  1.00 21.02 ? 21  ILE A N    1 
ATOM   211 C CA   . ILE A 1 20 ? -2.743  1.801   -8.155  1.00 22.53 ? 21  ILE A CA   1 
ATOM   212 C C    . ILE A 1 20 ? -3.211  3.024   -8.930  1.00 21.55 ? 21  ILE A C    1 
ATOM   213 O O    . ILE A 1 20 ? -2.762  3.275   -10.058 1.00 21.51 ? 21  ILE A O    1 
ATOM   214 C CB   . ILE A 1 20 ? -3.770  0.655   -8.172  1.00 18.86 ? 21  ILE A CB   1 
ATOM   215 C CG1  . ILE A 1 20 ? -3.128  -0.645  -7.659  1.00 20.84 ? 21  ILE A CG1  1 
ATOM   216 C CG2  . ILE A 1 20 ? -4.345  0.475   -9.585  1.00 22.74 ? 21  ILE A CG2  1 
ATOM   217 C CD1  . ILE A 1 20 ? -4.119  -1.775  -7.450  1.00 24.38 ? 21  ILE A CD1  1 
ATOM   218 H H    . ILE A 1 20 ? -2.919  1.753   -6.190  1.00 25.26 ? 21  ILE A H    1 
ATOM   219 H HA   . ILE A 1 20 ? -1.940  1.482   -8.594  1.00 27.07 ? 21  ILE A HA   1 
ATOM   220 N N    . ARG A 1 21 ? -4.082  3.825   -8.329  1.00 20.35 ? 22  ARG A N    1 
ATOM   221 C CA   . ARG A 1 21 ? -4.610  4.999   -9.016  1.00 23.05 ? 22  ARG A CA   1 
ATOM   222 C C    . ARG A 1 21 ? -3.484  5.927   -9.447  1.00 24.22 ? 22  ARG A C    1 
ATOM   223 O O    . ARG A 1 21 ? -3.414  6.342   -10.606 1.00 26.34 ? 22  ARG A O    1 
ATOM   224 C CB   . ARG A 1 21 ? -5.588  5.740   -8.104  1.00 24.98 ? 22  ARG A CB   1 
ATOM   225 C CG   . ARG A 1 21 ? -6.306  6.888   -8.808  1.00 26.93 ? 22  ARG A CG   1 
ATOM   226 C CD   . ARG A 1 21 ? -7.137  7.716   -7.830  1.00 34.91 ? 22  ARG A CD   1 
ATOM   227 N NE   . ARG A 1 21 ? -6.326  8.563   -6.962  1.00 38.81 ? 22  ARG A NE   1 
ATOM   228 C CZ   . ARG A 1 21 ? -5.845  9.749   -7.314  1.00 44.45 ? 22  ARG A CZ   1 
ATOM   229 N NH1  . ARG A 1 21 ? -6.047  10.246  -8.524  1.00 41.14 ? 22  ARG A NH1  1 
ATOM   230 N NH2  . ARG A 1 21 ? -5.140  10.452  -6.430  1.00 45.40 ? 22  ARG A NH2  1 
ATOM   231 H H    . ARG A 1 21 ? -4.381  3.714   -7.530  1.00 24.46 ? 22  ARG A H    1 
ATOM   232 H HA   . ARG A 1 21 ? -5.090  4.709   -9.808  1.00 27.69 ? 22  ARG A HA   1 
ATOM   233 N N    . VAL A 1 22 ? -2.582  6.260   -8.527  1.00 22.40 ? 23  VAL A N    1 
ATOM   234 C CA   . VAL A 1 22 ? -1.563  7.258   -8.849  1.00 24.79 ? 23  VAL A CA   1 
ATOM   235 C C    . VAL A 1 22 ? -0.537  6.699   -9.830  1.00 27.35 ? 23  VAL A C    1 
ATOM   236 O O    . VAL A 1 22 ? -0.066  7.410   -10.727 1.00 26.38 ? 23  VAL A O    1 
ATOM   237 C CB   . VAL A 1 22 ? -0.921  7.837   -7.572  1.00 26.85 ? 23  VAL A CB   1 
ATOM   238 C CG1  . VAL A 1 22 ? -1.985  8.439   -6.655  1.00 29.52 ? 23  VAL A CG1  1 
ATOM   239 C CG2  . VAL A 1 22 ? -0.101  6.788   -6.841  1.00 26.02 ? 23  VAL A CG2  1 
ATOM   240 H H    . VAL A 1 22 ? -2.538  5.933   -7.733  1.00 26.91 ? 23  VAL A H    1 
ATOM   241 H HA   . VAL A 1 22 ? -2.004  7.999   -9.295  1.00 29.78 ? 23  VAL A HA   1 
ATOM   242 N N    . LEU A 1 23 ? -0.164  5.422   -9.680  1.00 23.90 ? 24  LEU A N    1 
ATOM   243 C CA   . LEU A 1 23 ? 0.809   4.827   -10.591 1.00 23.90 ? 24  LEU A CA   1 
ATOM   244 C C    . LEU A 1 23 ? 0.235   4.687   -11.996 1.00 24.66 ? 24  LEU A C    1 
ATOM   245 O O    . LEU A 1 23 ? 0.946   4.909   -12.985 1.00 27.03 ? 24  LEU A O    1 
ATOM   246 C CB   . LEU A 1 23 ? 1.282   3.488   -10.012 1.00 24.98 ? 24  LEU A CB   1 
ATOM   247 C CG   . LEU A 1 23 ? 2.100   2.489   -10.819 1.00 40.09 ? 24  LEU A CG   1 
ATOM   248 C CD1  . LEU A 1 23 ? 2.867   1.606   -9.851  1.00 41.43 ? 24  LEU A CD1  1 
ATOM   249 C CD2  . LEU A 1 23 ? 1.186   1.648   -11.725 1.00 32.56 ? 24  LEU A CD2  1 
ATOM   250 H H    . LEU A 1 23 ? -0.458  4.892   -9.070  1.00 28.72 ? 24  LEU A H    1 
ATOM   251 H HA   . LEU A 1 23 ? 1.589   5.399   -10.668 1.00 28.71 ? 24  LEU A HA   1 
ATOM   252 N N    . GLU A 1 24 ? -1.055  4.348   -12.108 1.00 24.22 ? 25  GLU A N    1 
ATOM   253 C CA   . GLU A 1 24 ? -1.693  4.250   -13.418 1.00 29.21 ? 25  GLU A CA   1 
ATOM   254 C C    . GLU A 1 24 ? -1.877  5.616   -14.069 1.00 27.65 ? 25  GLU A C    1 
ATOM   255 O O    . GLU A 1 24 ? -1.985  5.686   -15.300 1.00 32.74 ? 25  GLU A O    1 
ATOM   256 C CB   . GLU A 1 24 ? -2.999  3.453   -13.307 1.00 27.52 ? 25  GLU A CB   1 
ATOM   257 C CG   . GLU A 1 24 ? -2.708  1.966   -13.072 1.00 23.28 ? 25  GLU A CG   1 
ATOM   258 C CD   . GLU A 1 24 ? -3.947  1.094   -12.947 1.00 25.31 ? 25  GLU A CD   1 
ATOM   259 O OE1  . GLU A 1 24 ? -5.070  1.632   -12.875 1.00 26.10 ? 25  GLU A OE1  1 
ATOM   260 O OE2  . GLU A 1 24 ? -3.780  -0.145  -12.921 1.00 23.50 ? 25  GLU A OE2  1 
ATOM   261 H H    . GLU A 1 24 ? -1.575  4.171   -11.446 1.00 29.10 ? 25  GLU A H    1 
ATOM   262 H HA   . GLU A 1 24 ? -1.130  3.745   -14.025 1.00 35.09 ? 25  GLU A HA   1 
ATOM   263 N N    . ARG A 1 25 ? -1.879  6.698   -13.287 1.00 27.54 ? 26  ARG A N    1 
ATOM   264 C CA   . ARG A 1 25 ? -1.820  8.054   -13.824 1.00 32.06 ? 26  ARG A CA   1 
ATOM   265 C C    . ARG A 1 25 ? -0.412  8.453   -14.236 1.00 34.53 ? 26  ARG A C    1 
ATOM   266 O O    . ARG A 1 25 ? -0.234  9.534   -14.811 1.00 33.75 ? 26  ARG A O    1 
ATOM   267 C CB   . ARG A 1 25 ? -2.268  9.072   -12.774 1.00 34.45 ? 26  ARG A CB   1 
ATOM   268 C CG   . ARG A 1 25 ? -3.666  8.878   -12.261 1.00 43.75 ? 26  ARG A CG   1 
ATOM   269 C CD   . ARG A 1 25 ? -3.952  9.856   -11.135 1.00 47.34 ? 26  ARG A CD   1 
ATOM   270 N NE   . ARG A 1 25 ? -4.928  10.863  -11.535 1.00 62.48 ? 26  ARG A NE   1 
ATOM   271 C CZ   . ARG A 1 25 ? -4.622  12.076  -11.975 1.00 65.02 ? 26  ARG A CZ   1 
ATOM   272 N NH1  . ARG A 1 25 ? -3.367  12.490  -12.045 1.00 68.80 ? 26  ARG A NH1  1 
ATOM   273 N NH2  . ARG A 1 25 ? -5.602  12.894  -12.351 1.00 59.23 ? 26  ARG A NH2  1 
ATOM   274 N N    . GLY A 1 26 ? 0.581   7.627   -13.934 1.00 31.18 ? 27  GLY A N    1 
ATOM   275 C CA   . GLY A 1 26 ? 1.960   7.946   -14.227 1.00 35.20 ? 27  GLY A CA   1 
ATOM   276 C C    . GLY A 1 26 ? 2.660   8.783   -13.184 1.00 33.08 ? 27  GLY A C    1 
ATOM   277 O O    . GLY A 1 26 ? 3.785   9.236   -13.432 1.00 34.88 ? 27  GLY A O    1 
ATOM   278 H H    . GLY A 1 26 ? 0.475   6.864   -13.552 1.00 37.45 ? 27  GLY A H    1 
ATOM   279 H HA2  . GLY A 1 26 ? 2.455   7.117   -14.322 1.00 42.28 ? 27  GLY A HA2  1 
ATOM   280 H HA3  . GLY A 1 26 ? 1.993   8.431   -15.066 1.00 42.28 ? 27  GLY A HA3  1 
ATOM   281 N N    . ASP A 1 27 ? 2.050   8.993   -12.016 1.00 30.34 ? 28  ASP A N    1 
ATOM   282 C CA   . ASP A 1 27 ? 2.679   9.778   -10.948 1.00 28.33 ? 28  ASP A CA   1 
ATOM   283 C C    . ASP A 1 27 ? 3.533   8.851   -10.085 1.00 27.93 ? 28  ASP A C    1 
ATOM   284 O O    . ASP A 1 27 ? 3.154   8.446   -8.982  1.00 32.08 ? 28  ASP A O    1 
ATOM   285 C CB   . ASP A 1 27 ? 1.634   10.503  -10.114 1.00 28.30 ? 28  ASP A CB   1 
ATOM   286 C CG   . ASP A 1 27 ? 2.260   11.416  -9.065  1.00 45.44 ? 28  ASP A CG   1 
ATOM   287 O OD1  . ASP A 1 27 ? 3.511   11.545  -9.037  1.00 36.70 ? 28  ASP A OD1  1 
ATOM   288 O OD2  . ASP A 1 27 ? 1.499   12.005  -8.269  1.00 54.41 ? 28  ASP A OD2  1 
ATOM   289 H H    . ASP A 1 27 ? 1.270   8.690   -11.815 1.00 36.44 ? 28  ASP A H    1 
ATOM   290 H HA   . ASP A 1 27 ? 3.257   10.440  -11.359 1.00 34.03 ? 28  ASP A HA   1 
ATOM   291 N N    . VAL A 1 28 ? 4.724   8.542   -10.600 1.00 29.18 ? 29  VAL A N    1 
ATOM   292 C CA   . VAL A 1 28 ? 5.602   7.569   -9.953  1.00 30.60 ? 29  VAL A CA   1 
ATOM   293 C C    . VAL A 1 28 ? 6.114   8.102   -8.622  1.00 36.61 ? 29  VAL A C    1 
ATOM   294 O O    . VAL A 1 28 ? 6.268   7.348   -7.653  1.00 28.28 ? 29  VAL A O    1 
ATOM   295 C CB   . VAL A 1 28 ? 6.762   7.191   -10.894 1.00 31.22 ? 29  VAL A CB   1 
ATOM   296 C CG1  . VAL A 1 28 ? 7.734   6.245   -10.187 1.00 36.24 ? 29  VAL A CG1  1 
ATOM   297 C CG2  . VAL A 1 28 ? 6.236   6.573   -12.183 1.00 42.82 ? 29  VAL A CG2  1 
ATOM   298 H HA   . VAL A 1 28 ? 5.087   6.768   -9.772  1.00 36.75 ? 29  VAL A HA   1 
ATOM   299 N N    . GLU A 1 29 ? 6.407   9.402   -8.554  1.00 36.42 ? 30  GLU A N    1 
ATOM   300 C CA   . GLU A 1 29 ? 6.878   9.978   -7.299  1.00 35.98 ? 30  GLU A CA   1 
ATOM   301 C C    . GLU A 1 29 ? 5.851   9.790   -6.191  1.00 33.74 ? 30  GLU A C    1 
ATOM   302 O O    . GLU A 1 29 ? 6.201   9.439   -5.058  1.00 32.56 ? 30  GLU A O    1 
ATOM   303 C CB   . GLU A 1 29 ? 7.200   11.459  -7.505  1.00 44.47 ? 30  GLU A CB   1 
ATOM   304 C CG   . GLU A 1 29 ? 7.997   12.103  -6.382  1.00 61.21 ? 30  GLU A CG   1 
ATOM   305 C CD   . GLU A 1 29 ? 8.554   13.462  -6.771  1.00 73.97 ? 30  GLU A CD   1 
ATOM   306 O OE1  . GLU A 1 29 ? 8.888   13.656  -7.963  1.00 65.98 ? 30  GLU A OE1  1 
ATOM   307 O OE2  . GLU A 1 29 ? 8.655   14.338  -5.887  1.00 77.20 ? 30  GLU A OE2  1 
ATOM   308 H H    . GLU A 1 29 ? 6.342   9.957   -9.206  1.00 43.74 ? 30  GLU A H    1 
ATOM   309 H HA   . GLU A 1 29 ? 7.694   9.530   -7.024  1.00 43.22 ? 30  GLU A HA   1 
ATOM   310 H HB2  . GLU A 1 29 ? 7.720   11.551  -8.320  1.00 53.40 ? 30  GLU A HB2  1 
ATOM   311 H HB3  . GLU A 1 29 ? 6.366   11.947  -7.587  1.00 53.40 ? 30  GLU A HB3  1 
ATOM   312 H HG2  . GLU A 1 29 ? 7.419   12.223  -5.611  1.00 73.49 ? 30  GLU A HG2  1 
ATOM   313 H HG3  . GLU A 1 29 ? 8.742   11.527  -6.150  1.00 73.49 ? 30  GLU A HG3  1 
ATOM   314 N N    . LYS A 1 30 ? 4.571   9.997   -6.499  1.00 28.07 ? 31  LYS A N    1 
ATOM   315 C CA   . LYS A 1 30 ? 3.548   9.823   -5.480  1.00 26.60 ? 31  LYS A CA   1 
ATOM   316 C C    . LYS A 1 30 ? 3.317   8.350   -5.148  1.00 25.66 ? 31  LYS A C    1 
ATOM   317 O O    . LYS A 1 30 ? 3.012   8.020   -3.999  1.00 28.33 ? 31  LYS A O    1 
ATOM   318 C CB   . LYS A 1 30 ? 2.243   10.485  -5.916  1.00 35.73 ? 31  LYS A CB   1 
ATOM   319 C CG   . LYS A 1 30 ? 1.208   10.536  -4.813  1.00 39.69 ? 31  LYS A CG   1 
ATOM   320 C CD   . LYS A 1 30 ? -0.042  11.292  -5.241  1.00 55.93 ? 31  LYS A CD   1 
ATOM   321 C CE   . LYS A 1 30 ? -0.954  11.567  -4.052  1.00 63.16 ? 31  LYS A CE   1 
ATOM   322 N NZ   . LYS A 1 30 ? -1.258  10.328  -3.282  1.00 60.35 ? 31  LYS A NZ   1 
ATOM   323 H H    . LYS A 1 30 ? 4.279   10.235  -7.272  1.00 33.72 ? 31  LYS A H    1 
ATOM   324 H HA   . LYS A 1 30 ? 3.846   10.265  -4.669  1.00 31.95 ? 31  LYS A HA   1 
ATOM   325 N N    . ALA A 1 31 ? 3.448   7.456   -6.127  1.00 27.11 ? 32  ALA A N    1 
ATOM   326 C CA   . ALA A 1 31 ? 3.318   6.033   -5.824  1.00 27.66 ? 32  ALA A CA   1 
ATOM   327 C C    . ALA A 1 31 ? 4.395   5.595   -4.844  1.00 26.44 ? 32  ALA A C    1 
ATOM   328 O O    . ALA A 1 31 ? 4.123   4.826   -3.908  1.00 24.76 ? 32  ALA A O    1 
ATOM   329 C CB   . ALA A 1 31 ? 3.402   5.219   -7.109  1.00 25.78 ? 32  ALA A CB   1 
ATOM   330 H H    . ALA A 1 31 ? 3.608   7.641   -6.952  1.00 32.57 ? 32  ALA A H    1 
ATOM   331 H HA   . ALA A 1 31 ? 2.451   5.868   -5.423  1.00 33.23 ? 32  ALA A HA   1 
ATOM   332 H HB1  . ALA A 1 31 ? 3.358   4.275   -6.889  1.00 30.97 ? 32  ALA A HB1  1 
ATOM   333 H HB2  . ALA A 1 31 ? 2.658   5.459   -7.684  1.00 30.97 ? 32  ALA A HB2  1 
ATOM   334 H HB3  . ALA A 1 31 ? 4.241   5.415   -7.555  1.00 30.97 ? 32  ALA A HB3  1 
ATOM   335 N N    . ARG A 1 32 ? 5.624   6.084   -5.039  1.00 25.84 ? 33  ARG A N    1 
ATOM   336 C CA   . ARG A 1 32 ? 6.712   5.768   -4.118  1.00 27.82 ? 33  ARG A CA   1 
ATOM   337 C C    . ARG A 1 32 ? 6.379   6.245   -2.712  1.00 29.18 ? 33  ARG A C    1 
ATOM   338 O O    . ARG A 1 32 ? 6.628   5.539   -1.727  1.00 27.51 ? 33  ARG A O    1 
ATOM   339 C CB   . ARG A 1 32 ? 8.013   6.391   -4.644  1.00 24.67 ? 33  ARG A CB   1 
ATOM   340 C CG   . ARG A 1 32 ? 9.287   5.913   -3.948  1.00 30.32 ? 33  ARG A CG   1 
ATOM   341 C CD   . ARG A 1 32 ? 10.572  6.608   -4.461  1.00 29.27 ? 33  ARG A CD   1 
ATOM   342 N NE   . ARG A 1 32 ? 11.027  6.125   -5.764  1.00 26.85 ? 33  ARG A NE   1 
ATOM   343 C CZ   . ARG A 1 32 ? 11.829  5.082   -5.955  1.00 27.45 ? 33  ARG A CZ   1 
ATOM   344 N NH1  . ARG A 1 32 ? 12.315  4.381   -4.941  1.00 29.75 ? 33  ARG A NH1  1 
ATOM   345 N NH2  . ARG A 1 32 ? 12.137  4.722   -7.199  1.00 32.36 ? 33  ARG A NH2  1 
ATOM   346 H H    . ARG A 1 32 ? 5.849   6.598   -5.691  1.00 31.04 ? 33  ARG A H    1 
ATOM   347 H HA   . ARG A 1 32 ? 6.847   4.809   -4.070  1.00 33.42 ? 33  ARG A HA   1 
ATOM   348 N N    . GLU A 1 33 ? 5.765   7.423   -2.596  1.00 29.64 ? 34  GLU A N    1 
ATOM   349 C CA   . GLU A 1 33 ? 5.396   7.947   -1.286  1.00 31.03 ? 34  GLU A CA   1 
ATOM   350 C C    . GLU A 1 33 ? 4.351   7.078   -0.598  1.00 30.72 ? 34  GLU A C    1 
ATOM   351 O O    . GLU A 1 33 ? 4.369   6.930   0.631   1.00 34.97 ? 34  GLU A O    1 
ATOM   352 C CB   . GLU A 1 33 ? 4.910   9.390   -1.455  1.00 34.86 ? 34  GLU A CB   1 
ATOM   353 C CG   . GLU A 1 33 ? 3.903   9.876   -0.442  1.00 49.61 ? 34  GLU A CG   1 
ATOM   354 C CD   . GLU A 1 33 ? 3.391   11.274  -0.773  1.00 78.16 ? 34  GLU A CD   1 
ATOM   355 O OE1  . GLU A 1 33 ? 4.077   12.003  -1.527  1.00 58.20 ? 34  GLU A OE1  1 
ATOM   356 O OE2  . GLU A 1 33 ? 2.299   11.641  -0.285  1.00 87.25 ? 34  GLU A OE2  1 
ATOM   357 H H    . GLU A 1 33 ? 5.553   7.933   -3.256  1.00 35.60 ? 34  GLU A H    1 
ATOM   358 H HA   . GLU A 1 33 ? 6.174   7.949   -0.706  1.00 37.28 ? 34  GLU A HA   1 
ATOM   359 N N    . ILE A 1 34 ? 3.443   6.478   -1.365  1.00 27.22 ? 35  ILE A N    1 
ATOM   360 C CA   . ILE A 1 34 ? 2.419   5.625   -0.778  1.00 24.60 ? 35  ILE A CA   1 
ATOM   361 C C    . ILE A 1 34 ? 3.027   4.330   -0.244  1.00 22.15 ? 35  ILE A C    1 
ATOM   362 O O    . ILE A 1 34 ? 2.475   3.726   0.683   1.00 22.36 ? 35  ILE A O    1 
ATOM   363 C CB   . ILE A 1 34 ? 1.315   5.348   -1.818  1.00 26.22 ? 35  ILE A CB   1 
ATOM   364 C CG1  . ILE A 1 34 ? 0.726   6.661   -2.344  1.00 41.34 ? 35  ILE A CG1  1 
ATOM   365 C CG2  . ILE A 1 34 ? 0.209   4.472   -1.228  1.00 30.26 ? 35  ILE A CG2  1 
ATOM   366 C CD1  . ILE A 1 34 ? -0.432  7.167   -1.551  1.00 43.25 ? 35  ILE A CD1  1 
ATOM   367 H H    . ILE A 1 34 ? 3.400   6.548   -2.222  1.00 32.70 ? 35  ILE A H    1 
ATOM   368 H HA   . ILE A 1 34 ? 2.020   6.090   -0.026  1.00 29.55 ? 35  ILE A HA   1 
ATOM   369 N N    . LEU A 1 35 ? 4.159   3.881   -0.803  1.00 25.60 ? 36  LEU A N    1 
ATOM   370 C CA   . LEU A 1 35 ? 4.794   2.651   -0.322  1.00 24.17 ? 36  LEU A CA   1 
ATOM   371 C C    . LEU A 1 35 ? 5.010   2.687   1.183   1.00 22.93 ? 36  LEU A C    1 
ATOM   372 O O    . LEU A 1 35 ? 4.822   1.679   1.875   1.00 21.59 ? 36  LEU A O    1 
ATOM   373 C CB   . LEU A 1 35 ? 6.158   2.446   -0.996  1.00 26.10 ? 36  LEU A CB   1 
ATOM   374 C CG   . LEU A 1 35 ? 6.152   2.102   -2.480  1.00 26.99 ? 36  LEU A CG   1 
ATOM   375 C CD1  . LEU A 1 35 ? 7.586   2.035   -2.965  1.00 24.89 ? 36  LEU A CD1  1 
ATOM   376 C CD2  . LEU A 1 35 ? 5.442   0.768   -2.701  1.00 25.18 ? 36  LEU A CD2  1 
ATOM   377 H H    . LEU A 1 35 ? 4.574   4.265   -1.453  1.00 30.76 ? 36  LEU A H    1 
ATOM   378 N N    . ARG A 1 36 ? 5.453   3.837   1.697   1.00 24.66 ? 37  ARG A N    1 
ATOM   379 C CA   . ARG A 1 36 ? 5.737   3.977   3.118   1.00 24.72 ? 37  ARG A CA   1 
ATOM   380 C C    . ARG A 1 36 ? 4.481   3.772   3.951   1.00 21.61 ? 37  ARG A C    1 
ATOM   381 O O    . ARG A 1 36 ? 4.528   3.163   5.025   1.00 23.99 ? 37  ARG A O    1 
ATOM   382 C CB   . ARG A 1 36 ? 6.313   5.378   3.357   1.00 29.35 ? 37  ARG A CB   1 
ATOM   383 C CG   . ARG A 1 36 ? 6.594   5.736   4.809   1.00 40.84 ? 37  ARG A CG   1 
ATOM   384 C CD   . ARG A 1 36 ? 7.198   7.137   4.912   1.00 41.06 ? 37  ARG A CD   1 
ATOM   385 N NE   . ARG A 1 36 ? 6.250   8.182   4.543   1.00 39.93 ? 37  ARG A NE   1 
ATOM   386 C CZ   . ARG A 1 36 ? 5.370   8.716   5.379   1.00 46.87 ? 37  ARG A CZ   1 
ATOM   387 N NH1  . ARG A 1 36 ? 5.261   8.294   6.627   1.00 44.57 ? 37  ARG A NH1  1 
ATOM   388 N NH2  . ARG A 1 36 ? 4.586   9.703   4.953   1.00 43.35 ? 37  ARG A NH2  1 
ATOM   389 H H    . ARG A 1 36 ? 5.596   4.552   1.240   1.00 29.63 ? 37  ARG A H    1 
ATOM   390 H HA   . ARG A 1 36 ? 6.384   3.309   3.394   1.00 29.70 ? 37  ARG A HA   1 
ATOM   391 N N    . LEU A 1 37 ? 3.351   4.289   3.479   1.00 21.87 ? 38  LEU A N    1 
ATOM   392 C CA   . LEU A 1 37 ? 2.093   4.105   4.194   1.00 21.86 ? 38  LEU A CA   1 
ATOM   393 C C    . LEU A 1 37 ? 1.657   2.646   4.162   1.00 22.73 ? 38  LEU A C    1 
ATOM   394 O O    . LEU A 1 37 ? 1.178   2.109   5.169   1.00 22.34 ? 38  LEU A O    1 
ATOM   395 C CB   . LEU A 1 37 ? 1.027   5.008   3.572   1.00 24.38 ? 38  LEU A CB   1 
ATOM   396 C CG   . LEU A 1 37 ? 1.436   6.477   3.457   1.00 28.41 ? 38  LEU A CG   1 
ATOM   397 C CD1  . LEU A 1 37 ? 0.348   7.296   2.782   1.00 34.03 ? 38  LEU A CD1  1 
ATOM   398 C CD2  . LEU A 1 37 ? 1.751   7.034   4.836   1.00 32.88 ? 38  LEU A CD2  1 
ATOM   399 H H    . LEU A 1 37 ? 3.285   4.746   2.753   1.00 26.28 ? 38  LEU A H    1 
ATOM   400 H HA   . LEU A 1 37 ? 2.204   4.358   5.123   1.00 26.26 ? 38  LEU A HA   1 
ATOM   401 N N    . LEU A 1 38 ? 1.835   1.985   3.019   1.00 22.46 ? 39  LEU A N    1 
ATOM   402 C CA   . LEU A 1 38 ? 1.529   0.565   2.930   1.00 20.41 ? 39  LEU A CA   1 
ATOM   403 C C    . LEU A 1 38 ? 2.348   -0.241  3.929   1.00 19.47 ? 39  LEU A C    1 
ATOM   404 O O    . LEU A 1 38 ? 1.813   -1.116  4.619   1.00 21.56 ? 39  LEU A O    1 
ATOM   405 C CB   . LEU A 1 38 ? 1.804   0.076   1.512   1.00 23.70 ? 39  LEU A CB   1 
ATOM   406 C CG   . LEU A 1 38 ? 0.813   0.512   0.427   1.00 21.83 ? 39  LEU A CG   1 
ATOM   407 C CD1  . LEU A 1 38 ? 1.361   0.098   -0.925  1.00 26.74 ? 39  LEU A CD1  1 
ATOM   408 C CD2  . LEU A 1 38 ? -0.528  -0.125  0.683   1.00 21.87 ? 39  LEU A CD2  1 
ATOM   409 H H    . LEU A 1 38 ? 2.128   2.333   2.290   1.00 26.99 ? 39  LEU A H    1 
ATOM   410 H HA   . LEU A 1 38 ? 0.591   0.435   3.134   1.00 24.53 ? 39  LEU A HA   1 
ATOM   411 N N    . LYS A 1 39 ? 3.657   0.011   3.993   1.00 21.13 ? 40  LYS A N    1 
ATOM   412 C CA   . LYS A 1 39 ? 4.497   -0.740  4.917   1.00 22.31 ? 40  LYS A CA   1 
ATOM   413 C C    . LYS A 1 39 ? 4.057   -0.526  6.360   1.00 22.33 ? 40  LYS A C    1 
ATOM   414 O O    . LYS A 1 39 ? 3.997   -1.476  7.143   1.00 20.55 ? 40  LYS A O    1 
ATOM   415 C CB   . LYS A 1 39 ? 5.965   -0.355  4.752   1.00 21.68 ? 40  LYS A CB   1 
ATOM   416 C CG   . LYS A 1 39 ? 6.887   -1.315  5.517   1.00 22.58 ? 40  LYS A CG   1 
ATOM   417 C CD   . LYS A 1 39 ? 8.341   -1.020  5.178   1.00 23.40 ? 40  LYS A CD   1 
ATOM   418 C CE   . LYS A 1 39 ? 9.288   -2.039  5.804   1.00 26.14 ? 40  LYS A CE   1 
ATOM   419 N NZ   . LYS A 1 39 ? 9.283   -1.968  7.289   1.00 37.80 ? 40  LYS A NZ   1 
ATOM   420 H H    . LYS A 1 39 ? 4.072   0.600   3.522   1.00 25.39 ? 40  LYS A H    1 
ATOM   421 H HA   . LYS A 1 39 ? 4.411   -1.683  4.705   1.00 26.81 ? 40  LYS A HA   1 
ATOM   422 N N    . GLU A 1 40 ? 3.748   0.718   6.724   1.00 21.57 ? 41  GLU A N    1 
ATOM   423 C CA   . GLU A 1 40 ? 3.340   1.010   8.096   1.00 24.90 ? 41  GLU A CA   1 
ATOM   424 C C    . GLU A 1 40 ? 2.097   0.224   8.487   1.00 23.74 ? 41  GLU A C    1 
ATOM   425 O O    . GLU A 1 40 ? 1.997   -0.279  9.607   1.00 24.29 ? 41  GLU A O    1 
ATOM   426 C CB   . GLU A 1 40 ? 3.056   2.504   8.266   1.00 27.87 ? 41  GLU A CB   1 
ATOM   427 C CG   . GLU A 1 40 ? 4.195   3.445   7.971   1.00 43.72 ? 41  GLU A CG   1 
ATOM   428 C CD   . GLU A 1 40 ? 3.796   4.905   8.160   1.00 56.81 ? 41  GLU A CD   1 
ATOM   429 O OE1  . GLU A 1 40 ? 2.591   5.187   8.386   1.00 47.07 ? 41  GLU A OE1  1 
ATOM   430 O OE2  . GLU A 1 40 ? 4.695   5.770   8.080   1.00 59.66 ? 41  GLU A OE2  1 
ATOM   431 H H    . GLU A 1 40 ? 3.768   1.402   6.204   1.00 25.92 ? 41  GLU A H    1 
ATOM   432 H HA   . GLU A 1 40 ? 4.072   0.761   8.682   1.00 29.92 ? 41  GLU A HA   1 
ATOM   433 N N    . VAL A 1 41 ? 1.125   0.125   7.582   1.00 20.01 ? 42  VAL A N    1 
ATOM   434 C CA   . VAL A 1 41 ? -0.095  -0.605  7.896   1.00 20.40 ? 42  VAL A CA   1 
ATOM   435 C C    . VAL A 1 41 ? 0.148   -2.104  7.869   1.00 24.03 ? 42  VAL A C    1 
ATOM   436 O O    . VAL A 1 41 ? -0.384  -2.842  8.703   1.00 24.93 ? 42  VAL A O    1 
ATOM   437 C CB   . VAL A 1 41 ? -1.214  -0.171  6.937   1.00 19.26 ? 42  VAL A CB   1 
ATOM   438 C CG1  . VAL A 1 41 ? -2.489  -0.985  7.182   1.00 21.91 ? 42  VAL A CG1  1 
ATOM   439 C CG2  . VAL A 1 41 ? -1.479  1.316   7.123   1.00 22.38 ? 42  VAL A CG2  1 
ATOM   440 H H    . VAL A 1 41 ? 1.149   0.466   6.793   1.00 24.04 ? 42  VAL A H    1 
ATOM   441 H HA   . VAL A 1 41 ? -0.374  -0.384  8.798   1.00 24.51 ? 42  VAL A HA   1 
ATOM   442 N N    . ALA A 1 42 ? 0.932   -2.584  6.902   1.00 21.80 ? 43  ALA A N    1 
ATOM   443 C CA   . ALA A 1 42 ? 1.218   -4.012  6.831   1.00 20.88 ? 43  ALA A CA   1 
ATOM   444 C C    . ALA A 1 42 ? 1.864   -4.510  8.120   1.00 24.45 ? 43  ALA A C    1 
ATOM   445 O O    . ALA A 1 42 ? 1.606   -5.640  8.549   1.00 28.03 ? 43  ALA A O    1 
ATOM   446 C CB   . ALA A 1 42 ? 2.128   -4.316  5.641   1.00 22.49 ? 43  ALA A CB   1 
ATOM   447 H H    . ALA A 1 42 ? 1.304   -2.113  6.287   1.00 26.20 ? 43  ALA A H    1 
ATOM   448 H HA   . ALA A 1 42 ? 0.382   -4.484  6.703   1.00 25.09 ? 43  ALA A HA   1 
ATOM   449 H HB1  . ALA A 1 42 ? 1.698   -4.006  4.828   1.00 27.02 ? 43  ALA A HB1  1 
ATOM   450 H HB2  . ALA A 1 42 ? 2.973   -3.857  5.763   1.00 27.02 ? 43  ALA A HB2  1 
ATOM   451 H HB3  . ALA A 1 42 ? 2.275   -5.273  5.591   1.00 27.02 ? 43  ALA A HB3  1 
ATOM   452 N N    . GLU A 1 43 ? 2.709   -3.683  8.739   1.00 24.84 ? 44  GLU A N    1 
ATOM   453 C CA   . GLU A 1 43 ? 3.346   -4.064  9.996   1.00 31.08 ? 44  GLU A CA   1 
ATOM   454 C C    . GLU A 1 43 ? 2.316   -4.335  11.085  1.00 31.85 ? 44  GLU A C    1 
ATOM   455 O O    . GLU A 1 43 ? 2.566   -5.155  11.978  1.00 33.29 ? 44  GLU A O    1 
ATOM   456 C CB   . GLU A 1 43 ? 4.336   -2.981  10.412  1.00 26.97 ? 44  GLU A CB   1 
ATOM   457 C CG   . GLU A 1 43 ? 5.625   -3.021  9.589   1.00 35.12 ? 44  GLU A CG   1 
ATOM   458 C CD   . GLU A 1 43 ? 6.494   -1.779  9.729   1.00 51.83 ? 44  GLU A CD   1 
ATOM   459 O OE1  . GLU A 1 43 ? 6.192   -0.904  10.570  1.00 49.97 ? 44  GLU A OE1  1 
ATOM   460 O OE2  . GLU A 1 43 ? 7.494   -1.687  8.980   1.00 48.98 ? 44  GLU A OE2  1 
ATOM   461 H H    . GLU A 1 43 ? 2.927   -2.901  8.454   1.00 29.85 ? 44  GLU A H    1 
ATOM   462 H HA   . GLU A 1 43 ? 3.845   -4.886  9.873   1.00 37.33 ? 44  GLU A HA   1 
ATOM   463 H HB2  . GLU A 1 43 ? 3.926   -2.111  10.288  1.00 32.40 ? 44  GLU A HB2  1 
ATOM   464 H HB3  . GLU A 1 43 ? 4.570   -3.107  11.346  1.00 32.40 ? 44  GLU A HB3  1 
ATOM   465 H HG2  . GLU A 1 43 ? 6.152   -3.783  9.876   1.00 42.18 ? 44  GLU A HG2  1 
ATOM   466 H HG3  . GLU A 1 43 ? 5.391   -3.114  8.653   1.00 42.18 ? 44  GLU A HG3  1 
ATOM   467 N N    . LYS A 1 44 ? 1.155   -3.681  11.022  1.00 26.52 ? 45  LYS A N    1 
ATOM   468 C CA   . LYS A 1 44 ? 0.143   -3.855  12.058  1.00 28.36 ? 45  LYS A CA   1 
ATOM   469 C C    . LYS A 1 44 ? -0.702  -5.108  11.857  1.00 37.20 ? 45  LYS A C    1 
ATOM   470 O O    . LYS A 1 44 ? -1.396  -5.533  12.789  1.00 33.85 ? 45  LYS A O    1 
ATOM   471 C CB   . LYS A 1 44 ? -0.818  -2.664  12.089  1.00 29.07 ? 45  LYS A CB   1 
ATOM   472 C CG   . LYS A 1 44 ? -0.194  -1.281  12.194  1.00 31.62 ? 45  LYS A CG   1 
ATOM   473 C CD   . LYS A 1 44 ? -1.268  -0.200  12.122  1.00 34.94 ? 45  LYS A CD   1 
ATOM   474 C CE   . LYS A 1 44 ? -0.655  1.189   12.119  1.00 43.34 ? 45  LYS A CE   1 
ATOM   475 N NZ   . LYS A 1 44 ? -1.692  2.250   11.962  1.00 50.90 ? 45  LYS A NZ   1 
ATOM   476 H H    . LYS A 1 44 ? 0.933   -3.136  10.395  1.00 31.86 ? 45  LYS A H    1 
ATOM   477 H HA   . LYS A 1 44 ? 0.608   -3.910  12.907  1.00 34.07 ? 45  LYS A HA   1 
ATOM   478 N N    . VAL A 1 45 ? -0.692  -5.679  10.658  1.00 32.59 ? 46  VAL A N    1 
ATOM   479 C CA   . VAL A 1 45 ? -1.499  -6.846  10.324  1.00 30.72 ? 46  VAL A CA   1 
ATOM   480 C C    . VAL A 1 45 ? -0.572  -8.053  10.326  1.00 32.03 ? 46  VAL A C    1 
ATOM   481 O O    . VAL A 1 45 ? 0.541   -7.992  9.787   1.00 39.11 ? 46  VAL A O    1 
ATOM   482 C CB   . VAL A 1 45 ? -2.172  -6.671  8.951   1.00 29.66 ? 46  VAL A CB   1 
ATOM   483 C CG1  . VAL A 1 45 ? -3.118  -7.824  8.672   1.00 33.98 ? 46  VAL A CG1  1 
ATOM   484 C CG2  . VAL A 1 45 ? -2.916  -5.344  8.866   1.00 30.28 ? 46  VAL A CG2  1 
ATOM   485 H H    . VAL A 1 45 ? -0.212  -5.401  10.002  1.00 39.14 ? 46  VAL A H    1 
ATOM   486 H HA   . VAL A 1 45 ? -2.193  -6.978  10.989  1.00 36.90 ? 46  VAL A HA   1 
ATOM   487 N N    . ASN A 1 46 ? -1.007  -9.143  10.944  1.00 43.97 ? 47  ASN A N    1 
ATOM   488 C CA   . ASN A 1 46 ? -0.177  -10.347 10.972  1.00 41.58 ? 47  ASN A CA   1 
ATOM   489 C C    . ASN A 1 46 ? -0.437  -11.236 9.762   1.00 46.24 ? 47  ASN A C    1 
ATOM   490 O O    . ASN A 1 46 ? -0.586  -12.452 9.880   1.00 59.64 ? 47  ASN A O    1 
ATOM   491 C CB   . ASN A 1 46 ? -0.381  -11.109 12.275  1.00 55.13 ? 47  ASN A CB   1 
ATOM   492 C CG   . ASN A 1 46 ? 0.627   -12.233 12.455  1.00 77.90 ? 47  ASN A CG   1 
ATOM   493 O OD1  . ASN A 1 46 ? 1.799   -11.990 12.749  1.00 86.29 ? 47  ASN A OD1  1 
ATOM   494 N ND2  . ASN A 1 46 ? 0.174   -13.472 12.276  1.00 69.69 ? 47  ASN A ND2  1 
ATOM   495 N N    . ASP A 1 47 ? -0.502  -10.628 8.583   1.00 47.22 ? 48  ASP A N    1 
ATOM   496 C CA   . ASP A 1 47 ? -0.745  -11.372 7.347   1.00 35.92 ? 48  ASP A CA   1 
ATOM   497 C C    . ASP A 1 47 ? 0.474   -11.242 6.444   1.00 28.06 ? 48  ASP A C    1 
ATOM   498 O O    . ASP A 1 47 ? 0.777   -10.130 5.974   1.00 28.69 ? 48  ASP A O    1 
ATOM   499 C CB   . ASP A 1 47 ? -1.997  -10.873 6.620   1.00 35.29 ? 48  ASP A CB   1 
ATOM   500 C CG   . ASP A 1 47 ? -2.437  -11.821 5.526   1.00 36.62 ? 48  ASP A CG   1 
ATOM   501 O OD1  . ASP A 1 47 ? -1.599  -12.641 5.089   1.00 28.10 ? 48  ASP A OD1  1 
ATOM   502 O OD2  . ASP A 1 47 ? -3.611  -11.764 5.099   1.00 41.01 ? 48  ASP A OD2  1 
ATOM   503 H H    . ASP A 1 47 ? -0.410  -9.780  8.469   1.00 56.70 ? 48  ASP A H    1 
ATOM   504 H HA   . ASP A 1 47 ? -0.886  -12.307 7.567   1.00 43.14 ? 48  ASP A HA   1 
ATOM   505 N N    . PRO A 1 48 ? 1.210   -12.321 6.172   1.00 24.07 ? 49  PRO A N    1 
ATOM   506 C CA   . PRO A 1 48 ? 2.358   -12.201 5.260   1.00 23.29 ? 49  PRO A CA   1 
ATOM   507 C C    . PRO A 1 48 ? 1.987   -11.742 3.863   1.00 21.94 ? 49  PRO A C    1 
ATOM   508 O O    . PRO A 1 48 ? 2.850   -11.211 3.156   1.00 22.28 ? 49  PRO A O    1 
ATOM   509 C CB   . PRO A 1 48 ? 2.978   -13.608 5.255   1.00 28.23 ? 49  PRO A CB   1 
ATOM   510 C CG   . PRO A 1 48 ? 1.969   -14.504 5.920   1.00 32.84 ? 49  PRO A CG   1 
ATOM   511 C CD   . PRO A 1 48 ? 1.123   -13.658 6.789   1.00 28.43 ? 49  PRO A CD   1 
ATOM   512 H HA   . PRO A 1 48 ? 3.004   -11.581 5.635   1.00 27.99 ? 49  PRO A HA   1 
ATOM   513 H HB2  . PRO A 1 48 ? 3.138   -13.891 4.340   1.00 33.91 ? 49  PRO A HB2  1 
ATOM   514 H HB3  . PRO A 1 48 ? 3.811   -13.600 5.751   1.00 33.91 ? 49  PRO A HB3  1 
ATOM   515 H HG2  . PRO A 1 48 ? 1.429   -14.937 5.241   1.00 39.44 ? 49  PRO A HG2  1 
ATOM   516 H HG3  . PRO A 1 48 ? 2.434   -15.172 6.448   1.00 39.44 ? 49  PRO A HG3  1 
ATOM   517 H HD2  . PRO A 1 48 ? 0.206   -13.977 6.790   1.00 34.16 ? 49  PRO A HD2  1 
ATOM   518 H HD3  . PRO A 1 48 ? 1.469   -13.642 7.695   1.00 34.16 ? 49  PRO A HD3  1 
ATOM   519 N N    . LEU A 1 49 ? 0.742   -11.938 3.429   1.00 22.06 ? 50  LEU A N    1 
ATOM   520 C CA   . LEU A 1 49 ? 0.374   -11.521 2.082   1.00 22.25 ? 50  LEU A CA   1 
ATOM   521 C C    . LEU A 1 49 ? 0.541   -10.021 1.901   1.00 21.50 ? 50  LEU A C    1 
ATOM   522 O O    . LEU A 1 49 ? 0.916   -9.562  0.816   1.00 22.69 ? 50  LEU A O    1 
ATOM   523 C CB   . LEU A 1 49 ? -1.075  -11.916 1.794   1.00 24.97 ? 50  LEU A CB   1 
ATOM   524 C CG   . LEU A 1 49 ? -1.470  -11.728 0.340   1.00 23.90 ? 50  LEU A CG   1 
ATOM   525 C CD1  . LEU A 1 49 ? -0.699  -12.740 -0.513  1.00 22.53 ? 50  LEU A CD1  1 
ATOM   526 C CD2  . LEU A 1 49 ? -2.978  -11.893 0.215   1.00 32.28 ? 50  LEU A CD2  1 
ATOM   527 H H    . LEU A 1 49 ? 0.110   -12.302 3.883   1.00 26.51 ? 50  LEU A H    1 
ATOM   528 H HA   . LEU A 1 49 ? 0.951   -11.973 1.447   1.00 26.73 ? 50  LEU A HA   1 
ATOM   529 N N    . LEU A 1 50 ? 0.263   -9.243  2.945   1.00 20.81 ? 51  LEU A N    1 
ATOM   530 C CA   . LEU A 1 50 ? 0.385   -7.792  2.853   1.00 19.90 ? 51  LEU A CA   1 
ATOM   531 C C    . LEU A 1 50 ? 1.840   -7.382  2.674   1.00 19.42 ? 51  LEU A C    1 
ATOM   532 O O    . LEU A 1 50 ? 2.141   -6.451  1.917   1.00 18.32 ? 51  LEU A O    1 
ATOM   533 C CB   . LEU A 1 50 ? -0.230  -7.139  4.085   1.00 25.02 ? 51  LEU A CB   1 
ATOM   534 C CG   . LEU A 1 50 ? -1.755  -6.971  3.989   1.00 29.13 ? 51  LEU A CG   1 
ATOM   535 C CD1  . LEU A 1 50 ? -2.503  -8.293  3.935   1.00 30.76 ? 51  LEU A CD1  1 
ATOM   536 C CD2  . LEU A 1 50 ? -2.262  -6.107  5.137   1.00 28.80 ? 51  LEU A CD2  1 
ATOM   537 H H    . LEU A 1 50 ? 0.005   -9.528  3.713   1.00 25.01 ? 51  LEU A H    1 
ATOM   538 H HA   . LEU A 1 50 ? -0.108  -7.473  2.081   1.00 23.91 ? 51  LEU A HA   1 
ATOM   539 H HB2  . LEU A 1 50 ? -0.039  -7.692  4.859   1.00 30.06 ? 51  LEU A HB2  1 
ATOM   540 H HB3  . LEU A 1 50 ? 0.160   -6.260  4.200   1.00 30.06 ? 51  LEU A HB3  1 
ATOM   541 H HG   . LEU A 1 50 ? -1.947  -6.525  3.150   1.00 34.99 ? 51  LEU A HG   1 
ATOM   542 H HD11 . LEU A 1 50 ? -3.414  -8.153  4.237   1.00 36.95 ? 51  LEU A HD11 1 
ATOM   543 H HD12 . LEU A 1 50 ? -2.503  -8.618  3.021   1.00 36.95 ? 51  LEU A HD12 1 
ATOM   544 H HD13 . LEU A 1 50 ? -2.057  -8.932  4.514   1.00 36.95 ? 51  LEU A HD13 1 
ATOM   545 H HD21 . LEU A 1 50 ? -3.167  -5.821  4.940   1.00 34.60 ? 51  LEU A HD21 1 
ATOM   546 H HD22 . LEU A 1 50 ? -2.250  -6.629  5.955   1.00 34.60 ? 51  LEU A HD22 1 
ATOM   547 H HD23 . LEU A 1 50 ? -1.683  -5.334  5.229   1.00 34.60 ? 51  LEU A HD23 1 
ATOM   548 N N    A ARG A 1 51 ? 2.756   -8.088  3.341   0.63 20.05 ? 52  ARG A N    1 
ATOM   549 N N    B ARG A 1 51 ? 2.756   -8.081  3.342   0.37 20.03 ? 52  ARG A N    1 
ATOM   550 C CA   A ARG A 1 51 ? 4.181   -7.823  3.169   0.63 19.70 ? 52  ARG A CA   1 
ATOM   551 C CA   B ARG A 1 51 ? 4.179   -7.811  3.170   0.37 19.71 ? 52  ARG A CA   1 
ATOM   552 C C    A ARG A 1 51 ? 4.637   -8.184  1.764   0.63 19.14 ? 52  ARG A C    1 
ATOM   553 C C    B ARG A 1 51 ? 4.645   -8.187  1.769   0.37 19.15 ? 52  ARG A C    1 
ATOM   554 O O    A ARG A 1 51 ? 5.437   -7.466  1.155   0.63 18.67 ? 52  ARG A O    1 
ATOM   555 O O    B ARG A 1 51 ? 5.459   -7.478  1.165   0.37 18.68 ? 52  ARG A O    1 
ATOM   556 C CB   A ARG A 1 51 ? 4.990   -8.628  4.196   0.63 21.68 ? 52  ARG A CB   1 
ATOM   557 C CB   B ARG A 1 51 ? 4.970   -8.586  4.226   0.37 21.78 ? 52  ARG A CB   1 
ATOM   558 C CG   A ARG A 1 51 ? 4.490   -8.481  5.622   0.63 23.95 ? 52  ARG A CG   1 
ATOM   559 C CG   B ARG A 1 51 ? 4.645   -8.165  5.651   0.37 25.23 ? 52  ARG A CG   1 
ATOM   560 C CD   A ARG A 1 51 ? 5.576   -8.805  6.643   0.63 23.22 ? 52  ARG A CD   1 
ATOM   561 C CD   B ARG A 1 51 ? 5.080   -9.206  6.678   0.37 26.04 ? 52  ARG A CD   1 
ATOM   562 N NE   A ARG A 1 51 ? 5.830   -10.237 6.729   0.63 28.05 ? 52  ARG A NE   1 
ATOM   563 N NE   B ARG A 1 51 ? 5.058   -8.666  8.033   0.37 30.98 ? 52  ARG A NE   1 
ATOM   564 C CZ   A ARG A 1 51 ? 5.103   -11.084 7.447   0.63 33.81 ? 52  ARG A CZ   1 
ATOM   565 C CZ   B ARG A 1 51 ? 3.956   -8.453  8.739   0.37 33.18 ? 52  ARG A CZ   1 
ATOM   566 N NH1  A ARG A 1 51 ? 4.018   -10.692 8.093   0.63 29.29 ? 52  ARG A NH1  1 
ATOM   567 N NH1  B ARG A 1 51 ? 2.757   -8.711  8.242   0.37 37.91 ? 52  ARG A NH1  1 
ATOM   568 N NH2  A ARG A 1 51 ? 5.482   -12.359 7.522   0.63 26.22 ? 52  ARG A NH2  1 
ATOM   569 N NH2  B ARG A 1 51 ? 4.059   -7.968  9.973   0.37 35.65 ? 52  ARG A NH2  1 
ATOM   570 H H    A ARG A 1 51 ? 2.578   -8.720  3.895   0.63 24.09 ? 52  ARG A H    1 
ATOM   571 H H    B ARG A 1 51 ? 2.581   -8.712  3.900   0.37 24.07 ? 52  ARG A H    1 
ATOM   572 H HA   A ARG A 1 51 ? 4.342   -6.878  3.318   0.63 23.67 ? 52  ARG A HA   1 
ATOM   573 H HA   B ARG A 1 51 ? 4.344   -6.862  3.292   0.37 23.69 ? 52  ARG A HA   1 
ATOM   574 N N    . LEU A 1 52 ? 4.149   -9.304  1.237   1.00 19.31 ? 53  LEU A N    1 
ATOM   575 C CA   . LEU A 1 52 ? 4.479   -9.684  -0.131  1.00 18.55 ? 53  LEU A CA   1 
ATOM   576 C C    . LEU A 1 52 ? 3.915   -8.686  -1.136  1.00 17.46 ? 53  LEU A C    1 
ATOM   577 O O    . LEU A 1 52 ? 4.552   -8.417  -2.162  1.00 18.15 ? 53  LEU A O    1 
ATOM   578 C CB   . LEU A 1 52 ? 3.950   -11.096 -0.405  1.00 19.46 ? 53  LEU A CB   1 
ATOM   579 C CG   . LEU A 1 52 ? 4.576   -12.177 0.489   1.00 22.31 ? 53  LEU A CG   1 
ATOM   580 C CD1  . LEU A 1 52 ? 3.842   -13.492 0.277   1.00 25.50 ? 53  LEU A CD1  1 
ATOM   581 C CD2  . LEU A 1 52 ? 6.042   -12.328 0.186   1.00 23.25 ? 53  LEU A CD2  1 
ATOM   582 H H    . LEU A 1 52 ? 3.630   -9.853  1.648   1.00 23.21 ? 53  LEU A H    1 
ATOM   583 H HA   . LEU A 1 52 ? 5.443   -9.691  -0.238  1.00 22.29 ? 53  LEU A HA   1 
ATOM   584 N N    . LEU A 1 53 ? 2.707   -8.157  -0.885  1.00 17.30 ? 54  LEU A N    1 
ATOM   585 C CA   . LEU A 1 53 ? 2.164   -7.138  -1.783  1.00 17.41 ? 54  LEU A CA   1 
ATOM   586 C C    . LEU A 1 53 ? 3.062   -5.907  -1.797  1.00 15.22 ? 54  LEU A C    1 
ATOM   587 O O    . LEU A 1 53 ? 3.354   -5.359  -2.866  1.00 17.72 ? 54  LEU A O    1 
ATOM   588 C CB   . LEU A 1 53 ? 0.736   -6.751  -1.376  1.00 17.70 ? 54  LEU A CB   1 
ATOM   589 C CG   . LEU A 1 53 ? -0.037  -5.906  -2.408  1.00 18.67 ? 54  LEU A CG   1 
ATOM   590 C CD1  . LEU A 1 53 ? -1.523  -6.140  -2.217  1.00 21.88 ? 54  LEU A CD1  1 
ATOM   591 C CD2  . LEU A 1 53 ? 0.314   -4.420  -2.278  1.00 20.17 ? 54  LEU A CD2  1 
ATOM   592 H H    . LEU A 1 53 ? 2.201   -8.367  -0.222  1.00 20.79 ? 54  LEU A H    1 
ATOM   593 H HA   . LEU A 1 53 ? 2.121   -7.507  -2.679  1.00 20.93 ? 54  LEU A HA   1 
ATOM   594 N N    . PHE A 1 54 ? 3.514   -5.466  -0.624  1.00 17.94 ? 55  PHE A N    1 
ATOM   595 C CA   . PHE A 1 54 ? 4.481   -4.376  -0.556  1.00 19.70 ? 55  PHE A CA   1 
ATOM   596 C C    . PHE A 1 54 ? 5.709   -4.681  -1.408  1.00 18.19 ? 55  PHE A C    1 
ATOM   597 O O    . PHE A 1 54 ? 6.179   -3.827  -2.172  1.00 19.49 ? 55  PHE A O    1 
ATOM   598 C CB   . PHE A 1 54 ? 4.891   -4.132  0.897   1.00 17.86 ? 55  PHE A CB   1 
ATOM   599 C CG   . PHE A 1 54 ? 6.070   -3.199  1.031   1.00 16.16 ? 55  PHE A CG   1 
ATOM   600 C CD1  . PHE A 1 54 ? 5.876   -1.825  1.147   1.00 18.52 ? 55  PHE A CD1  1 
ATOM   601 C CD2  . PHE A 1 54 ? 7.363   -3.689  1.005   1.00 18.76 ? 55  PHE A CD2  1 
ATOM   602 C CE1  . PHE A 1 54 ? 6.965   -0.952  1.247   1.00 19.24 ? 55  PHE A CE1  1 
ATOM   603 C CE2  . PHE A 1 54 ? 8.446   -2.824  1.107   1.00 18.78 ? 55  PHE A CE2  1 
ATOM   604 C CZ   . PHE A 1 54 ? 8.249   -1.467  1.233   1.00 18.29 ? 55  PHE A CZ   1 
ATOM   605 H H    . PHE A 1 54 ? 3.276   -5.778  0.141   1.00 21.57 ? 55  PHE A H    1 
ATOM   606 H HA   . PHE A 1 54 ? 4.065   -3.569  -0.897  1.00 23.68 ? 55  PHE A HA   1 
ATOM   607 N N    . ARG A 1 55 ? 6.233   -5.902  -1.307  1.00 19.13 ? 56  ARG A N    1 
ATOM   608 C CA   . ARG A 1 55 ? 7.448   -6.232  -2.050  1.00 21.62 ? 56  ARG A CA   1 
ATOM   609 C C    . ARG A 1 55 ? 7.251   -6.072  -3.550  1.00 20.75 ? 56  ARG A C    1 
ATOM   610 O O    . ARG A 1 55 ? 8.131   -5.543  -4.250  1.00 21.09 ? 56  ARG A O    1 
ATOM   611 C CB   . ARG A 1 55 ? 7.843   -7.667  -1.768  1.00 19.64 ? 56  ARG A CB   1 
ATOM   612 C CG   . ARG A 1 55 ? 9.172   -8.086  -2.377  1.00 24.67 ? 56  ARG A CG   1 
ATOM   613 C CD   . ARG A 1 55 ? 9.570   -9.264  -1.606  1.00 28.09 ? 56  ARG A CD   1 
ATOM   614 N NE   . ARG A 1 55 ? 10.688  -10.053 -2.096  1.00 23.45 ? 56  ARG A NE   1 
ATOM   615 C CZ   . ARG A 1 55 ? 11.123  -11.107 -1.424  1.00 22.65 ? 56  ARG A CZ   1 
ATOM   616 N NH1  . ARG A 1 55 ? 10.594  -11.432 -0.256  1.00 25.78 ? 56  ARG A NH1  1 
ATOM   617 N NH2  . ARG A 1 55 ? 12.095  -11.858 -1.935  1.00 22.72 ? 56  ARG A NH2  1 
ATOM   618 H H    . ARG A 1 55 ? 5.914   -6.541  -0.828  1.00 22.99 ? 56  ARG A H    1 
ATOM   619 H HA   . ARG A 1 55 ? 8.152   -5.631  -1.759  1.00 25.98 ? 56  ARG A HA   1 
ATOM   620 H HB2  . ARG A 1 55 ? 7.910   -7.786  -0.807  1.00 23.61 ? 56  ARG A HB2  1 
ATOM   621 H HB3  . ARG A 1 55 ? 7.158   -8.252  -2.128  1.00 23.61 ? 56  ARG A HB3  1 
ATOM   622 H HG2  . ARG A 1 55 ? 9.068   -8.319  -3.313  1.00 29.63 ? 56  ARG A HG2  1 
ATOM   623 H HG3  . ARG A 1 55 ? 9.835   -7.384  -2.283  1.00 29.63 ? 56  ARG A HG3  1 
ATOM   624 H HD2  . ARG A 1 55 ? 9.810   -8.966  -0.714  1.00 33.74 ? 56  ARG A HD2  1 
ATOM   625 H HD3  . ARG A 1 55 ? 8.807   -9.861  -1.562  1.00 33.74 ? 56  ARG A HD3  1 
ATOM   626 H HE   . ARG A 1 55 ? 11.073  -9.833  -2.833  1.00 28.17 ? 56  ARG A HE   1 
ATOM   627 H HH11 . ARG A 1 55 ? 9.959   -10.956 0.076   1.00 30.98 ? 56  ARG A HH11 1 
ATOM   628 H HH12 . ARG A 1 55 ? 10.886  -12.119 0.171   1.00 30.98 ? 56  ARG A HH12 1 
ATOM   629 H HH21 . ARG A 1 55 ? 12.437  -11.658 -2.697  1.00 27.30 ? 56  ARG A HH21 1 
ATOM   630 H HH22 . ARG A 1 55 ? 12.381  -12.543 -1.501  1.00 27.30 ? 56  ARG A HH22 1 
ATOM   631 N N    . ILE A 1 56 ? 6.120   -6.561  -4.063  1.00 17.62 ? 57  ILE A N    1 
ATOM   632 C CA   . ILE A 1 56 ? 5.801   -6.443  -5.485  1.00 18.37 ? 57  ILE A CA   1 
ATOM   633 C C    . ILE A 1 56 ? 5.589   -4.982  -5.853  1.00 20.54 ? 57  ILE A C    1 
ATOM   634 O O    . ILE A 1 56 ? 6.110   -4.500  -6.864  1.00 20.95 ? 57  ILE A O    1 
ATOM   635 C CB   . ILE A 1 56 ? 4.566   -7.311  -5.809  1.00 20.23 ? 57  ILE A CB   1 
ATOM   636 C CG1  . ILE A 1 56 ? 4.875   -8.792  -5.562  1.00 23.54 ? 57  ILE A CG1  1 
ATOM   637 C CG2  . ILE A 1 56 ? 4.065   -7.041  -7.237  1.00 24.44 ? 57  ILE A CG2  1 
ATOM   638 C CD1  . ILE A 1 56 ? 3.638   -9.689  -5.594  1.00 25.64 ? 57  ILE A CD1  1 
ATOM   639 H H    . ILE A 1 56 ? 5.517   -6.970  -3.605  1.00 21.18 ? 57  ILE A H    1 
ATOM   640 H HA   . ILE A 1 56 ? 6.546   -6.773  -6.011  1.00 22.08 ? 57  ILE A HA   1 
ATOM   641 N N    . ALA A 1 57 ? 4.848   -4.254  -5.021  1.00 18.74 ? 58  ALA A N    1 
ATOM   642 C CA   . ALA A 1 57 ? 4.574   -2.847  -5.294  1.00 18.73 ? 58  ALA A CA   1 
ATOM   643 C C    . ALA A 1 57 ? 5.864   -2.039  -5.331  1.00 19.14 ? 58  ALA A C    1 
ATOM   644 O O    . ALA A 1 57 ? 6.040   -1.162  -6.195  1.00 19.50 ? 58  ALA A O    1 
ATOM   645 C CB   . ALA A 1 57 ? 3.648   -2.288  -4.211  1.00 19.76 ? 58  ALA A CB   1 
ATOM   646 H H    . ALA A 1 57 ? 4.493   -4.549  -4.295  1.00 22.52 ? 58  ALA A H    1 
ATOM   647 H HA   . ALA A 1 57 ? 4.135   -2.771  -6.155  1.00 22.52 ? 58  ALA A HA   1 
ATOM   648 N N    . ARG A 1 58 ? 6.777   -2.331  -4.406  1.00 18.82 ? 59  ARG A N    1 
ATOM   649 C CA   . ARG A 1 58 ? 8.024   -1.581  -4.342  1.00 19.59 ? 59  ARG A CA   1 
ATOM   650 C C    . ARG A 1 58 ? 8.873   -1.842  -5.577  1.00 21.01 ? 59  ARG A C    1 
ATOM   651 O O    . ARG A 1 58 ? 9.463   -0.913  -6.141  1.00 23.11 ? 59  ARG A O    1 
ATOM   652 C CB   . ARG A 1 58 ? 8.781   -1.939  -3.076  1.00 21.71 ? 59  ARG A CB   1 
ATOM   653 C CG   . ARG A 1 58 ? 10.050  -1.147  -3.008  1.00 27.73 ? 59  ARG A CG   1 
ATOM   654 C CD   . ARG A 1 58 ? 10.761  -1.359  -1.715  1.00 30.02 ? 59  ARG A CD   1 
ATOM   655 N NE   . ARG A 1 58 ? 12.073  -0.731  -1.764  1.00 35.19 ? 59  ARG A NE   1 
ATOM   656 C CZ   . ARG A 1 58 ? 13.185  -1.355  -2.120  1.00 45.30 ? 59  ARG A CZ   1 
ATOM   657 N NH1  . ARG A 1 58 ? 13.185  -2.644  -2.432  1.00 40.91 ? 59  ARG A NH1  1 
ATOM   658 N NH2  . ARG A 1 58 ? 14.326  -0.673  -2.164  1.00 38.36 ? 59  ARG A NH2  1 
ATOM   659 H H    . ARG A 1 58 ? 6.700   -2.950  -3.814  1.00 22.62 ? 59  ARG A H    1 
ATOM   660 H HA   . ARG A 1 58 ? 7.826   -0.631  -4.307  1.00 23.55 ? 59  ARG A HA   1 
ATOM   661 N N    . ARG A 1 59 ? 8.895   -3.090  -6.044  1.00 20.27 ? 60  ARG A N    1 
ATOM   662 C CA   . ARG A 1 59 ? 9.629   -3.433  -7.260  1.00 24.59 ? 60  ARG A CA   1 
ATOM   663 C C    . ARG A 1 59 ? 9.006   -2.767  -8.478  1.00 23.08 ? 60  ARG A C    1 
ATOM   664 O O    . ARG A 1 59 ? 9.718   -2.319  -9.387  1.00 24.35 ? 60  ARG A O    1 
ATOM   665 C CB   . ARG A 1 59 ? 9.618   -4.955  -7.442  1.00 23.74 ? 60  ARG A CB   1 
ATOM   666 C CG   . ARG A 1 59 ? 10.355  -5.464  -8.689  1.00 23.20 ? 60  ARG A CG   1 
ATOM   667 C CD   . ARG A 1 59 ? 11.807  -5.012  -8.676  1.00 27.35 ? 60  ARG A CD   1 
ATOM   668 N NE   . ARG A 1 59 ? 12.550  -5.502  -9.832  1.00 27.10 ? 60  ARG A NE   1 
ATOM   669 C CZ   . ARG A 1 59 ? 13.201  -6.656  -9.880  1.00 29.53 ? 60  ARG A CZ   1 
ATOM   670 N NH1  . ARG A 1 59 ? 13.208  -7.493  -8.851  1.00 29.22 ? 60  ARG A NH1  1 
ATOM   671 N NH2  . ARG A 1 59 ? 13.863  -6.979  -10.990 1.00 31.22 ? 60  ARG A NH2  1 
ATOM   672 H H    . ARG A 1 59 ? 8.495   -3.758  -5.676  1.00 24.35 ? 60  ARG A H    1 
ATOM   673 H HA   . ARG A 1 59 ? 10.546  -3.128  -7.177  1.00 29.54 ? 60  ARG A HA   1 
ATOM   674 N N    . LEU A 1 60 ? 7.678   -2.697  -8.520  1.00 20.37 ? 61  LEU A N    1 
ATOM   675 C CA   . LEU A 1 60 ? 7.012   -2.032  -9.631  1.00 20.97 ? 61  LEU A CA   1 
ATOM   676 C C    . LEU A 1 60 ? 7.436   -0.573  -9.715  1.00 21.38 ? 61  LEU A C    1 
ATOM   677 O O    . LEU A 1 60 ? 7.749   -0.074  -10.798 1.00 21.61 ? 61  LEU A O    1 
ATOM   678 C CB   . LEU A 1 60 ? 5.491   -2.156  -9.511  1.00 21.61 ? 61  LEU A CB   1 
ATOM   679 C CG   . LEU A 1 60 ? 4.655   -1.392  -10.551 1.00 21.27 ? 61  LEU A CG   1 
ATOM   680 C CD1  . LEU A 1 60 ? 5.064   -1.728  -11.983 1.00 19.32 ? 61  LEU A CD1  1 
ATOM   681 C CD2  . LEU A 1 60 ? 3.155   -1.670  -10.320 1.00 21.97 ? 61  LEU A CD2  1 
ATOM   682 H H    . LEU A 1 60 ? 7.148   -3.021  -7.927  1.00 24.48 ? 61  LEU A H    1 
ATOM   683 H HA   . LEU A 1 60 ? 7.268   -2.474  -10.455 1.00 25.20 ? 61  LEU A HA   1 
ATOM   684 N N    . VAL A 1 61 ? 7.476   0.122   -8.576  1.00 20.51 ? 62  VAL A N    1 
ATOM   685 C CA   . VAL A 1 61 ? 7.909   1.514   -8.581  1.00 20.32 ? 62  VAL A CA   1 
ATOM   686 C C    . VAL A 1 61 ? 9.307   1.636   -9.171  1.00 24.33 ? 62  VAL A C    1 
ATOM   687 O O    . VAL A 1 61 ? 9.576   2.549   -9.967  1.00 23.22 ? 62  VAL A O    1 
ATOM   688 C CB   . VAL A 1 61 ? 7.808   2.108   -7.166  1.00 22.50 ? 62  VAL A CB   1 
ATOM   689 C CG1  . VAL A 1 61 ? 8.572   3.442   -7.082  1.00 25.60 ? 62  VAL A CG1  1 
ATOM   690 C CG2  . VAL A 1 61 ? 6.341   2.295   -6.801  1.00 22.54 ? 62  VAL A CG2  1 
ATOM   691 H H    . VAL A 1 61 ? 7.259   -0.186  -7.802  1.00 24.65 ? 62  VAL A H    1 
ATOM   692 H HA   . VAL A 1 61 ? 7.314   2.025   -9.150  1.00 24.42 ? 62  VAL A HA   1 
ATOM   693 N N    . GLU A 1 62 ? 10.206  0.709   -8.814  1.00 23.58 ? 63  GLU A N    1 
ATOM   694 C CA   . GLU A 1 62 ? 11.569  0.732   -9.346  1.00 24.28 ? 63  GLU A CA   1 
ATOM   695 C C    . GLU A 1 62 ? 11.597  0.528   -10.856 1.00 28.59 ? 63  GLU A C    1 
ATOM   696 O O    . GLU A 1 62 ? 12.446  1.105   -11.546 1.00 29.46 ? 63  GLU A O    1 
ATOM   697 C CB   . GLU A 1 62 ? 12.438  -0.327  -8.657  1.00 29.81 ? 63  GLU A CB   1 
ATOM   698 C CG   . GLU A 1 62 ? 12.699  -0.084  -7.180  1.00 36.30 ? 63  GLU A CG   1 
ATOM   699 C CD   . GLU A 1 62 ? 13.395  1.246   -6.899  1.00 40.31 ? 63  GLU A CD   1 
ATOM   700 O OE1  . GLU A 1 62 ? 13.987  1.842   -7.829  1.00 43.30 ? 63  GLU A OE1  1 
ATOM   701 O OE2  . GLU A 1 62 ? 13.336  1.699   -5.737  1.00 36.72 ? 63  GLU A OE2  1 
ATOM   702 N N    . GLU A 1 63 ? 10.671  -0.259  -11.395 1.00 24.95 ? 64  GLU A N    1 
ATOM   703 C CA   . GLU A 1 63 ? 10.710  -0.583  -12.814 1.00 26.50 ? 64  GLU A CA   1 
ATOM   704 C C    . GLU A 1 63 ? 9.959   0.408   -13.692 1.00 31.76 ? 64  GLU A C    1 
ATOM   705 O O    . GLU A 1 63 ? 10.080  0.330   -14.921 1.00 38.42 ? 64  GLU A O    1 
ATOM   706 C CB   . GLU A 1 63 ? 10.158  -1.996  -13.047 1.00 26.28 ? 64  GLU A CB   1 
ATOM   707 C CG   . GLU A 1 63 ? 10.904  -3.109  -12.323 1.00 27.53 ? 64  GLU A CG   1 
ATOM   708 C CD   . GLU A 1 63 ? 12.361  -3.236  -12.743 1.00 39.84 ? 64  GLU A CD   1 
ATOM   709 O OE1  . GLU A 1 63 ? 12.741  -2.690  -13.801 1.00 38.90 ? 64  GLU A OE1  1 
ATOM   710 O OE2  . GLU A 1 63 ? 13.126  -3.885  -12.000 1.00 38.24 ? 64  GLU A OE2  1 
ATOM   711 N N    . LEU A 1 64 ? 9.176   1.317   -13.114 1.00 25.89 ? 65  LEU A N    1 
ATOM   712 C CA   . LEU A 1 64 ? 8.451   2.308   -13.902 1.00 34.32 ? 65  LEU A CA   1 
ATOM   713 C C    . LEU A 1 64 ? 9.424   3.393   -14.355 1.00 48.09 ? 65  LEU A C    1 
ATOM   714 O O    . LEU A 1 64 ? 9.470   3.755   -15.531 1.00 61.04 ? 65  LEU A O    1 
ATOM   715 C CB   . LEU A 1 64 ? 7.314   2.934   -13.090 1.00 32.48 ? 65  LEU A CB   1 
ATOM   716 C CG   . LEU A 1 64 ? 6.085   2.089   -12.751 1.00 33.70 ? 65  LEU A CG   1 
ATOM   717 C CD1  . LEU A 1 64 ? 5.226   2.795   -11.717 1.00 38.67 ? 65  LEU A CD1  1 
ATOM   718 C CD2  . LEU A 1 64 ? 5.284   1.806   -14.011 1.00 44.08 ? 65  LEU A CD2  1 
HETATM 719 O O    . HOH B 2 .  ? -11.513 1.528   12.561  1.00 22.10 ? 101 HOH A O    1 
HETATM 720 O O    . HOH B 2 .  ? -15.291 -3.591  6.663   1.00 41.30 ? 102 HOH A O    1 
HETATM 721 O O    . HOH B 2 .  ? 5.998   -6.350  9.804   1.00 42.93 ? 103 HOH A O    1 
HETATM 722 O O    . HOH B 2 .  ? -9.006  -7.925  10.353  1.00 52.41 ? 104 HOH A O    1 
HETATM 723 O O    . HOH B 2 .  ? 8.307   5.405   0.217   1.00 38.49 ? 105 HOH A O    1 
HETATM 724 O O    . HOH B 2 .  ? 1.485   4.540   -15.479 1.00 37.42 ? 106 HOH A O    1 
HETATM 725 O O    . HOH B 2 .  ? 12.053  -1.843  -16.146 1.00 38.91 ? 107 HOH A O    1 
HETATM 726 O O    . HOH B 2 .  ? -6.520  3.731   -12.418 1.00 32.48 ? 108 HOH A O    1 
HETATM 727 O O    . HOH B 2 .  ? -12.938 -4.799  1.246   1.00 35.89 ? 109 HOH A O    1 
HETATM 728 O O    . HOH B 2 .  ? -3.848  5.853   -17.129 1.00 47.91 ? 110 HOH A O    1 
HETATM 729 O O    . HOH B 2 .  ? 6.525   14.569  -8.664  1.00 58.67 ? 111 HOH A O    1 
HETATM 730 O O    . HOH B 2 .  ? 11.168  4.447   -10.849 1.00 39.74 ? 112 HOH A O    1 
HETATM 731 O O    . HOH B 2 .  ? -3.419  -2.294  15.049  1.00 44.86 ? 113 HOH A O    1 
HETATM 732 O O    . HOH B 2 .  ? -1.682  -1.232  -14.129 1.00 29.06 ? 114 HOH A O    1 
HETATM 733 O O    . HOH B 2 .  ? 3.236   0.386   11.875  1.00 32.20 ? 115 HOH A O    1 
HETATM 734 O O    . HOH B 2 .  ? -5.323  6.289   -12.497 1.00 27.81 ? 116 HOH A O    1 
HETATM 735 O O    . HOH B 2 .  ? -7.471  2.100   -7.737  1.00 34.73 ? 117 HOH A O    1 
HETATM 736 O O    . HOH B 2 .  ? 14.660  3.314   -9.995  1.00 42.68 ? 118 HOH A O    1 
HETATM 737 O O    . HOH B 2 .  ? 10.837  -5.383  -4.183  1.00 29.75 ? 119 HOH A O    1 
HETATM 738 O O    . HOH B 2 .  ? -3.601  1.249   10.235  1.00 38.43 ? 120 HOH A O    1 
HETATM 739 O O    . HOH B 2 .  ? -4.283  -5.102  13.106  1.00 39.90 ? 121 HOH A O    1 
HETATM 740 O O    . HOH B 2 .  ? -12.551 -0.405  13.612  1.00 41.59 ? 122 HOH A O    1 
HETATM 741 O O    . HOH B 2 .  ? -10.416 3.693   -3.780  1.00 38.02 ? 123 HOH A O    1 
HETATM 742 O O    . HOH B 2 .  ? -14.263 1.591   4.977   1.00 32.28 ? 124 HOH A O    1 
HETATM 743 O O    . HOH B 2 .  ? -7.293  1.358   10.283  1.00 39.36 ? 125 HOH A O    1 
HETATM 744 O O    . HOH B 2 .  ? 11.741  1.966   -2.398  1.00 39.29 ? 126 HOH A O    1 
HETATM 745 O O    . HOH B 2 .  ? -11.260 8.526   12.808  1.00 30.39 ? 127 HOH A O    1 
HETATM 746 O O    . HOH B 2 .  ? 10.629  1.670   -4.932  1.00 34.79 ? 128 HOH A O    1 
HETATM 747 O O    . HOH B 2 .  ? 6.901   2.860   6.575   1.00 34.80 ? 129 HOH A O    1 
HETATM 748 O O    . HOH B 2 .  ? 15.573  -9.070  -8.626  1.00 31.75 ? 130 HOH A O    1 
HETATM 749 O O    . HOH B 2 .  ? -9.125  -6.493  1.848   1.00 33.99 ? 131 HOH A O    1 
HETATM 750 O O    . HOH B 2 .  ? -3.308  8.885   1.412   1.00 56.59 ? 132 HOH A O    1 
HETATM 751 O O    . HOH B 2 .  ? -13.626 -0.873  6.252   1.00 29.01 ? 133 HOH A O    1 
HETATM 752 O O    . HOH B 2 .  ? 11.506  12.548  -7.607  1.00 34.82 ? 134 HOH A O    1 
HETATM 753 O O    . HOH B 2 .  ? -4.189  1.091   13.786  1.00 48.25 ? 135 HOH A O    1 
HETATM 754 O O    . HOH B 2 .  ? 8.918   10.093  -4.350  1.00 34.79 ? 136 HOH A O    1 
HETATM 755 O O    . HOH B 2 .  ? 7.220   1.164   8.606   1.00 40.65 ? 137 HOH A O    1 
HETATM 756 O O    . HOH B 2 .  ? -9.890  1.113   -7.145  1.00 39.37 ? 138 HOH A O    1 
HETATM 757 O O    . HOH B 2 .  ? -15.432 -4.465  3.984   1.00 41.96 ? 139 HOH A O    1 
HETATM 758 O O    . HOH B 2 .  ? -7.425  -3.971  12.667  1.00 37.91 ? 140 HOH A O    1 
HETATM 759 O O    . HOH B 2 .  ? -8.160  4.687   -2.392  1.00 33.84 ? 141 HOH A O    1 
HETATM 760 O O    . HOH B 2 .  ? 11.449  -4.049  7.447   1.00 33.16 ? 142 HOH A O    1 
HETATM 761 O O    . HOH B 2 .  ? 0.109   4.322   6.922   1.00 37.04 ? 143 HOH A O    1 
HETATM 762 O O    . HOH B 2 .  ? -5.496  6.156   5.304   1.00 41.36 ? 144 HOH A O    1 
HETATM 763 O O    . HOH B 2 .  ? 3.046   -12.744 10.114  1.00 44.87 ? 145 HOH A O    1 
HETATM 764 O O    . HOH B 2 .  ? 8.291   -13.396 7.997   1.00 39.75 ? 146 HOH A O    1 
HETATM 765 O O    . HOH B 2 .  ? -6.755  -5.848  10.397  1.00 29.47 ? 147 HOH A O    1 
HETATM 766 O O    . HOH B 2 .  ? -6.341  8.381   2.044   1.00 49.39 ? 148 HOH A O    1 
HETATM 767 O O    . HOH B 2 .  ? 13.060  -14.464 -0.663  1.00 38.53 ? 149 HOH A O    1 
HETATM 768 O O    . HOH B 2 .  ? 6.230   11.274  -10.966 1.00 48.32 ? 150 HOH A O    1 
HETATM 769 O O    . HOH B 2 .  ? -6.073  -13.035 6.425   1.00 54.67 ? 151 HOH A O    1 
HETATM 770 O O    . HOH B 2 .  ? 11.067  -14.190 1.020   1.00 38.99 ? 152 HOH A O    1 
HETATM 771 O O    . HOH B 2 .  ? -2.124  5.712   6.421   1.00 50.04 ? 153 HOH A O    1 
HETATM 772 O O    . HOH B 2 .  ? 10.135  16.584  -7.465  1.00 47.89 ? 154 HOH A O    1 
HETATM 773 O O    . HOH B 2 .  ? -3.919  -9.196  12.134  1.00 47.67 ? 155 HOH A O    1 
HETATM 774 O O    . HOH B 2 .  ? -4.989  4.163   11.516  1.00 55.22 ? 156 HOH A O    1 
HETATM 775 O O    . HOH B 2 .  ? 12.344  -3.514  -5.404  1.00 35.52 ? 157 HOH A O    1 
HETATM 776 O O    . HOH B 2 .  ? -9.328  0.775   11.922  1.00 31.56 ? 158 HOH A O    1 
HETATM 777 O O    . HOH B 2 .  ? -5.259  6.622   -15.111 1.00 42.96 ? 159 HOH A O    1 
HETATM 778 O O    . HOH B 2 .  ? 2.103   -15.260 9.976   1.00 44.55 ? 160 HOH A O    1 
HETATM 779 O O    . HOH B 2 .  ? 12.026  -15.403 -2.644  1.00 45.78 ? 161 HOH A O    1 
HETATM 780 O O    . HOH B 2 .  ? -8.344  -12.449 5.963   0.50 51.51 ? 162 HOH A O    1 
HETATM 781 O O    . HOH B 2 .  ? -7.326  7.993   -12.356 1.00 49.72 ? 163 HOH A O    1 
HETATM 782 O O    . HOH B 2 .  ? 15.914  -1.468  -8.852  1.00 49.94 ? 164 HOH A O    1 
HETATM 783 O O    . HOH B 2 .  ? 9.153   -8.921  8.922   1.00 46.15 ? 165 HOH A O    1 
HETATM 784 O O    . HOH B 2 .  ? 9.632   8.691   -1.456  1.00 51.64 ? 166 HOH A O    1 
HETATM 785 O O    . HOH B 2 .  ? -3.318  7.841   5.157   1.00 55.29 ? 167 HOH A O    1 
# 
